data_9F8E
#
_entry.id   9F8E
#
_cell.length_a   47.612
_cell.length_b   73.374
_cell.length_c   90.799
_cell.angle_alpha   91.640
_cell.angle_beta   95.740
_cell.angle_gamma   96.110
#
_symmetry.space_group_name_H-M   'P 1'
#
loop_
_entity.id
_entity.type
_entity.pdbx_description
1 polymer 'S-layer protein'
2 polymer 'S-layer protein'
3 water water
#
loop_
_entity_poly.entity_id
_entity_poly.type
_entity_poly.pdbx_seq_one_letter_code
_entity_poly.pdbx_strand_id
1 'polypeptide(L)'
;AASDVISLQDGTNDKYTVSNTKASDLVKDILAAQNLTTGAVILNKDTKVTFYDANEKDSSTPTGDKKVYSEQTLTTANGN
EDYVKTTLKNLDAGEYAIIDLTYNNAKTVEIKVVAASEKTVVVSSDAKNSAKDIAEKYVFEDKDLENALKTINASDFSKT
DSYYQVVLYPKGKRLQGFS
;
A,C
2 'polypeptide(L)'
;TYRATNYNEGTAYGNTPVILTLKSTSKSNLKTAVEELQKLNASYSNTTTLAGDDRIQTAIEISKEYYNNDGEKSDHSADV
KENVKNVVLVGANALVDGLVAAPLAAEKDAPLLLTSKDKLDSSVKSEIKRVLDLKTSTEVTGKTVYIAGGVNSVSKEVVT
ELESMGLKVERFSGDDRYETSLKIADEIGLDNDKAYVVGGTGLADAMSIASVASTKLDGNGVVDRTNGHATPIVVVDGKA
DKISDDLDSFLGSADVDIIGGFASVSEKMEEAISDATGKGVTRVKGDDRQDTNSEVIKTYYANDTEIAKAAVLDKDSGAS
SSDAGVFNFYVAKDGSTKEDQLVDALAVGAVAGYKLAPVVLATDSLSSDQSVAISKVVGEKYSKDLTQVGQGIANSVINK
IKDLLDM
;
B,D
#
# COMPACT_ATOMS: atom_id res chain seq x y z
N ALA A 1 -0.01 -26.62 47.91
CA ALA A 1 -0.93 -27.32 48.80
C ALA A 1 -2.33 -26.73 48.69
N ALA A 2 -3.33 -27.38 49.29
CA ALA A 2 -4.70 -26.90 49.20
C ALA A 2 -4.82 -25.50 49.80
N SER A 3 -3.97 -25.19 50.78
CA SER A 3 -3.86 -23.84 51.32
C SER A 3 -3.76 -22.80 50.21
N ASP A 4 -2.95 -23.06 49.18
CA ASP A 4 -2.71 -22.05 48.14
C ASP A 4 -3.99 -21.72 47.38
N VAL A 5 -4.82 -22.72 47.08
CA VAL A 5 -6.09 -22.41 46.39
C VAL A 5 -7.09 -21.75 47.32
N ILE A 6 -7.09 -22.09 48.60
CA ILE A 6 -8.05 -21.47 49.51
C ILE A 6 -7.68 -20.01 49.74
N SER A 7 -6.37 -19.70 49.81
CA SER A 7 -5.91 -18.33 50.01
C SER A 7 -6.42 -17.38 48.92
N LEU A 8 -6.68 -17.89 47.72
CA LEU A 8 -7.06 -17.03 46.59
C LEU A 8 -8.28 -16.17 46.90
N GLN A 9 -9.20 -16.66 47.73
CA GLN A 9 -10.41 -15.92 48.07
C GLN A 9 -10.33 -15.24 49.43
N ASP A 10 -9.15 -15.23 50.07
CA ASP A 10 -8.99 -14.56 51.35
C ASP A 10 -9.08 -13.04 51.25
N GLY A 11 -8.78 -12.47 50.08
CA GLY A 11 -8.86 -11.05 49.86
C GLY A 11 -9.93 -10.69 48.84
N THR A 12 -9.93 -9.41 48.45
CA THR A 12 -10.91 -8.92 47.50
C THR A 12 -10.55 -9.27 46.06
N ASN A 13 -9.28 -9.64 45.83
CA ASN A 13 -8.84 -10.07 44.52
C ASN A 13 -9.43 -11.42 44.15
N ASP A 14 -9.81 -11.57 42.88
CA ASP A 14 -10.36 -12.84 42.39
C ASP A 14 -9.93 -13.13 40.95
N LYS A 15 -8.79 -12.61 40.52
CA LYS A 15 -8.26 -12.83 39.18
C LYS A 15 -6.78 -13.19 39.28
N TYR A 16 -6.42 -14.36 38.75
CA TYR A 16 -5.05 -14.84 38.86
C TYR A 16 -4.59 -15.46 37.55
N THR A 17 -3.27 -15.63 37.43
CA THR A 17 -2.66 -16.31 36.29
C THR A 17 -1.61 -17.28 36.79
N VAL A 18 -1.66 -18.51 36.27
CA VAL A 18 -0.68 -19.55 36.57
C VAL A 18 0.01 -19.96 35.28
N SER A 19 1.30 -20.23 35.37
CA SER A 19 2.04 -20.76 34.23
C SER A 19 1.66 -22.22 33.98
N ASN A 20 1.50 -22.56 32.70
CA ASN A 20 1.15 -23.94 32.35
C ASN A 20 2.25 -24.91 32.73
N THR A 21 3.48 -24.42 32.93
CA THR A 21 4.57 -25.26 33.42
C THR A 21 4.37 -25.73 34.86
N LYS A 22 3.31 -25.28 35.53
CA LYS A 22 2.97 -25.72 36.87
C LYS A 22 1.63 -26.45 36.87
N ALA A 23 1.28 -27.08 35.75
CA ALA A 23 -0.05 -27.66 35.59
C ALA A 23 -0.27 -28.85 36.52
N SER A 24 0.77 -29.64 36.78
CA SER A 24 0.62 -30.81 37.64
C SER A 24 0.19 -30.41 39.05
N ASP A 25 0.95 -29.52 39.69
CA ASP A 25 0.63 -29.11 41.05
C ASP A 25 -0.66 -28.30 41.09
N LEU A 26 -0.85 -27.38 40.14
CA LEU A 26 -2.08 -26.62 40.05
C LEU A 26 -3.30 -27.55 40.19
N VAL A 27 -3.43 -28.51 39.27
CA VAL A 27 -4.54 -29.46 39.33
C VAL A 27 -4.56 -30.19 40.66
N LYS A 28 -3.39 -30.64 41.13
CA LYS A 28 -3.29 -31.25 42.45
C LYS A 28 -3.97 -30.39 43.50
N ASP A 29 -3.51 -29.13 43.61
CA ASP A 29 -4.03 -28.20 44.59
C ASP A 29 -5.55 -28.01 44.44
N ILE A 30 -6.05 -27.90 43.21
CA ILE A 30 -7.48 -27.68 43.03
C ILE A 30 -8.27 -28.86 43.57
N LEU A 31 -7.87 -30.08 43.18
CA LEU A 31 -8.53 -31.28 43.67
C LEU A 31 -8.38 -31.40 45.17
N ALA A 32 -7.17 -31.12 45.69
CA ALA A 32 -6.95 -31.15 47.13
C ALA A 32 -7.87 -30.19 47.87
N ALA A 33 -8.09 -28.99 47.32
CA ALA A 33 -8.90 -27.99 47.99
C ALA A 33 -10.39 -28.36 47.97
N GLN A 34 -10.86 -28.97 46.90
CA GLN A 34 -12.24 -29.45 46.81
C GLN A 34 -12.44 -30.77 47.56
N ASN A 35 -11.37 -31.48 47.90
CA ASN A 35 -11.48 -32.70 48.69
C ASN A 35 -11.22 -32.45 50.17
N LEU A 36 -11.00 -31.20 50.56
CA LEU A 36 -10.81 -30.85 51.96
C LEU A 36 -12.03 -31.28 52.78
N THR A 37 -11.77 -31.98 53.87
CA THR A 37 -12.83 -32.50 54.72
C THR A 37 -13.04 -31.68 55.98
N THR A 38 -12.09 -30.82 56.32
CA THR A 38 -12.09 -30.22 57.65
C THR A 38 -11.73 -28.74 57.71
N GLY A 39 -11.28 -28.13 56.61
CA GLY A 39 -10.93 -26.73 56.65
C GLY A 39 -12.16 -25.83 56.77
N ALA A 40 -11.91 -24.61 57.28
CA ALA A 40 -13.00 -23.66 57.46
C ALA A 40 -13.60 -23.24 56.11
N VAL A 41 -12.77 -23.17 55.07
CA VAL A 41 -13.20 -22.82 53.73
C VAL A 41 -12.84 -23.96 52.80
N ILE A 42 -13.82 -24.44 52.03
CA ILE A 42 -13.64 -25.59 51.16
C ILE A 42 -14.08 -25.23 49.75
N LEU A 43 -13.24 -25.55 48.76
CA LEU A 43 -13.60 -25.41 47.36
C LEU A 43 -14.71 -26.39 46.98
N ASN A 44 -15.75 -25.89 46.32
CA ASN A 44 -16.81 -26.76 45.86
C ASN A 44 -16.27 -27.71 44.78
N LYS A 45 -17.01 -28.80 44.54
CA LYS A 45 -16.58 -29.79 43.56
C LYS A 45 -17.21 -29.53 42.20
N ASP A 46 -17.25 -28.25 41.82
CA ASP A 46 -17.79 -27.82 40.54
C ASP A 46 -16.78 -27.02 39.73
N THR A 47 -15.49 -27.31 39.87
CA THR A 47 -14.50 -26.46 39.22
C THR A 47 -14.52 -26.70 37.71
N LYS A 48 -14.76 -25.63 36.96
CA LYS A 48 -14.97 -25.70 35.52
C LYS A 48 -13.75 -25.17 34.78
N VAL A 49 -13.27 -25.96 33.82
CA VAL A 49 -12.11 -25.63 32.99
C VAL A 49 -12.55 -25.48 31.54
N THR A 50 -12.59 -24.24 31.06
CA THR A 50 -12.87 -23.93 29.66
C THR A 50 -11.57 -23.54 28.96
N PHE A 51 -11.44 -23.94 27.69
CA PHE A 51 -10.25 -23.69 26.89
C PHE A 51 -10.56 -22.75 25.72
N TYR A 52 -9.62 -21.86 25.42
CA TYR A 52 -9.79 -20.89 24.34
C TYR A 52 -8.52 -20.81 23.52
N ASP A 53 -8.68 -20.30 22.29
CA ASP A 53 -7.56 -19.93 21.42
C ASP A 53 -7.67 -18.44 21.15
N ALA A 54 -6.62 -17.69 21.51
CA ALA A 54 -6.67 -16.24 21.36
C ALA A 54 -6.56 -15.79 19.91
N ASN A 55 -5.93 -16.60 19.05
CA ASN A 55 -5.70 -16.22 17.67
C ASN A 55 -6.92 -16.37 16.77
N GLU A 56 -8.04 -16.88 17.29
CA GLU A 56 -9.30 -16.88 16.58
C GLU A 56 -10.40 -16.39 17.52
N LYS A 57 -11.28 -15.53 17.00
CA LYS A 57 -12.19 -14.75 17.82
C LYS A 57 -13.62 -15.25 17.74
N ASP A 58 -14.37 -14.98 18.82
CA ASP A 58 -15.81 -15.21 18.86
C ASP A 58 -16.33 -14.27 19.95
N SER A 59 -17.12 -13.28 19.55
CA SER A 59 -17.56 -12.26 20.49
C SER A 59 -18.61 -12.76 21.48
N SER A 60 -19.22 -13.92 21.22
CA SER A 60 -20.23 -14.45 22.12
C SER A 60 -19.64 -15.11 23.36
N THR A 61 -18.37 -15.50 23.32
CA THR A 61 -17.75 -16.18 24.45
C THR A 61 -17.31 -15.15 25.48
N PRO A 62 -17.29 -15.53 26.77
CA PRO A 62 -16.95 -14.55 27.82
C PRO A 62 -15.62 -13.84 27.61
N THR A 63 -14.60 -14.52 27.08
CA THR A 63 -13.31 -13.91 26.84
C THR A 63 -13.21 -13.23 25.47
N GLY A 64 -14.15 -13.48 24.57
CA GLY A 64 -14.10 -12.94 23.24
C GLY A 64 -13.29 -13.76 22.26
N ASP A 65 -12.80 -14.93 22.67
CA ASP A 65 -12.01 -15.79 21.81
C ASP A 65 -12.73 -17.12 21.60
N LYS A 66 -12.50 -17.73 20.43
CA LYS A 66 -13.16 -18.98 20.10
C LYS A 66 -12.71 -20.09 21.04
N LYS A 67 -13.69 -20.82 21.59
CA LYS A 67 -13.40 -21.95 22.46
C LYS A 67 -12.84 -23.13 21.67
N VAL A 68 -11.95 -23.89 22.31
CA VAL A 68 -11.39 -25.11 21.74
C VAL A 68 -11.44 -26.22 22.78
N TYR A 69 -11.20 -27.44 22.32
CA TYR A 69 -11.28 -28.66 23.12
C TYR A 69 -12.67 -28.78 23.76
N SER A 70 -12.72 -29.40 24.95
CA SER A 70 -13.95 -29.75 25.64
C SER A 70 -13.98 -29.08 27.01
N GLU A 71 -15.16 -28.60 27.40
CA GLU A 71 -15.34 -27.96 28.70
C GLU A 71 -15.42 -29.04 29.78
N GLN A 72 -14.56 -28.94 30.79
CA GLN A 72 -14.44 -29.99 31.80
C GLN A 72 -14.81 -29.44 33.18
N THR A 73 -15.44 -30.29 33.98
CA THR A 73 -15.62 -30.05 35.40
C THR A 73 -14.61 -30.91 36.14
N LEU A 74 -13.50 -30.29 36.58
CA LEU A 74 -12.39 -31.04 37.17
C LEU A 74 -12.75 -31.50 38.57
N THR A 75 -12.98 -32.80 38.73
CA THR A 75 -13.13 -33.43 40.05
C THR A 75 -12.43 -34.78 40.03
N THR A 76 -12.14 -35.29 41.23
CA THR A 76 -11.63 -36.64 41.34
C THR A 76 -12.70 -37.67 40.98
N ALA A 77 -13.97 -37.32 41.21
CA ALA A 77 -15.06 -38.20 40.82
C ALA A 77 -15.15 -38.34 39.31
N ASN A 78 -15.00 -37.24 38.57
CA ASN A 78 -15.14 -37.27 37.13
C ASN A 78 -13.93 -37.88 36.44
N GLY A 79 -12.84 -38.12 37.16
CA GLY A 79 -11.71 -38.83 36.61
C GLY A 79 -11.02 -38.13 35.46
N ASN A 80 -11.21 -36.81 35.34
CA ASN A 80 -10.62 -36.04 34.26
C ASN A 80 -9.35 -35.31 34.71
N GLU A 81 -8.69 -35.83 35.75
CA GLU A 81 -7.49 -35.20 36.28
C GLU A 81 -6.34 -35.25 35.28
N ASP A 82 -6.30 -36.28 34.44
CA ASP A 82 -5.18 -36.47 33.54
C ASP A 82 -5.36 -35.74 32.22
N TYR A 83 -6.58 -35.67 31.70
CA TYR A 83 -6.85 -34.86 30.51
C TYR A 83 -6.51 -33.40 30.76
N VAL A 84 -7.01 -32.83 31.85
CA VAL A 84 -6.78 -31.41 32.12
C VAL A 84 -5.30 -31.15 32.37
N LYS A 85 -4.64 -32.01 33.14
CA LYS A 85 -3.22 -31.81 33.43
C LYS A 85 -2.39 -31.84 32.16
N THR A 86 -2.64 -32.82 31.29
CA THR A 86 -1.85 -32.96 30.07
C THR A 86 -2.20 -31.90 29.02
N THR A 87 -3.47 -31.51 28.94
CA THR A 87 -3.85 -30.43 28.04
C THR A 87 -3.18 -29.13 28.43
N LEU A 88 -3.28 -28.76 29.72
CA LEU A 88 -2.62 -27.54 30.21
C LEU A 88 -1.12 -27.56 29.92
N LYS A 89 -0.45 -28.67 30.25
CA LYS A 89 0.99 -28.74 30.07
C LYS A 89 1.39 -28.64 28.60
N ASN A 90 0.57 -29.21 27.71
CA ASN A 90 0.85 -29.17 26.28
C ASN A 90 0.02 -28.12 25.55
N LEU A 91 -0.11 -26.94 26.15
CA LEU A 91 -0.71 -25.81 25.44
C LEU A 91 0.29 -25.22 24.46
N ASP A 92 -0.18 -24.94 23.25
CA ASP A 92 0.64 -24.25 22.26
C ASP A 92 0.41 -22.75 22.34
N ALA A 93 1.32 -22.01 21.73
CA ALA A 93 1.25 -20.55 21.73
C ALA A 93 -0.12 -20.05 21.31
N GLY A 94 -0.72 -19.20 22.14
CA GLY A 94 -2.02 -18.62 21.87
C GLY A 94 -3.19 -19.36 22.49
N GLU A 95 -3.02 -20.61 22.91
CA GLU A 95 -4.07 -21.34 23.61
C GLU A 95 -3.93 -21.16 25.12
N TYR A 96 -5.07 -21.05 25.80
CA TYR A 96 -5.09 -20.84 27.25
C TYR A 96 -6.37 -21.45 27.82
N ALA A 97 -6.51 -21.37 29.14
CA ALA A 97 -7.67 -21.92 29.84
C ALA A 97 -8.09 -21.01 30.98
N ILE A 98 -9.41 -20.94 31.20
CA ILE A 98 -10.00 -20.26 32.37
C ILE A 98 -10.57 -21.32 33.30
N ILE A 99 -10.04 -21.36 34.53
CA ILE A 99 -10.53 -22.24 35.56
C ILE A 99 -11.36 -21.41 36.53
N ASP A 100 -12.65 -21.73 36.64
CA ASP A 100 -13.57 -21.02 37.51
C ASP A 100 -13.74 -21.78 38.81
N LEU A 101 -13.45 -21.12 39.93
CA LEU A 101 -13.52 -21.72 41.26
C LEU A 101 -14.68 -21.12 42.03
N THR A 102 -15.49 -21.99 42.64
CA THR A 102 -16.53 -21.59 43.58
C THR A 102 -16.31 -22.26 44.93
N TYR A 103 -16.59 -21.53 46.01
CA TYR A 103 -16.32 -21.97 47.36
C TYR A 103 -17.62 -22.12 48.14
N ASN A 104 -17.52 -22.79 49.29
CA ASN A 104 -18.64 -22.83 50.23
C ASN A 104 -18.92 -21.46 50.84
N ASN A 105 -17.98 -20.52 50.73
CA ASN A 105 -18.24 -19.12 51.08
C ASN A 105 -19.17 -18.43 50.11
N ALA A 106 -19.52 -19.09 49.00
CA ALA A 106 -20.25 -18.51 47.88
C ALA A 106 -19.40 -17.50 47.12
N LYS A 107 -18.09 -17.61 47.23
CA LYS A 107 -17.15 -16.74 46.53
C LYS A 107 -16.68 -17.42 45.23
N THR A 108 -16.25 -16.59 44.29
CA THR A 108 -15.71 -17.05 43.01
C THR A 108 -14.31 -16.50 42.78
N VAL A 109 -13.45 -17.30 42.16
CA VAL A 109 -12.12 -16.88 41.73
C VAL A 109 -11.88 -17.42 40.33
N GLU A 110 -11.18 -16.63 39.51
CA GLU A 110 -10.83 -17.00 38.14
C GLU A 110 -9.33 -17.16 38.03
N ILE A 111 -8.89 -18.34 37.60
CA ILE A 111 -7.48 -18.61 37.30
C ILE A 111 -7.34 -18.77 35.79
N LYS A 112 -6.33 -18.11 35.22
CA LYS A 112 -6.01 -18.20 33.80
C LYS A 112 -4.67 -18.91 33.63
N VAL A 113 -4.65 -19.98 32.84
CA VAL A 113 -3.42 -20.73 32.58
C VAL A 113 -2.94 -20.37 31.19
N VAL A 114 -1.76 -19.75 31.09
CA VAL A 114 -1.20 -19.29 29.83
C VAL A 114 0.05 -20.10 29.53
N ALA A 115 0.31 -20.30 28.24
CA ALA A 115 1.50 -21.03 27.78
C ALA A 115 2.73 -20.12 27.85
N ALA A 116 3.08 -19.73 29.07
CA ALA A 116 4.11 -18.73 29.30
C ALA A 116 5.11 -19.23 30.35
N SER A 117 6.37 -18.90 30.13
CA SER A 117 7.40 -19.14 31.14
C SER A 117 7.37 -18.03 32.19
N GLU A 118 7.88 -18.37 33.37
CA GLU A 118 8.03 -17.41 34.45
C GLU A 118 9.48 -16.94 34.50
N LYS A 119 9.68 -15.62 34.52
CA LYS A 119 11.00 -15.04 34.59
C LYS A 119 10.99 -13.85 35.53
N THR A 120 12.05 -13.72 36.32
CA THR A 120 12.17 -12.69 37.35
C THR A 120 13.38 -11.83 37.07
N VAL A 121 13.17 -10.54 36.87
CA VAL A 121 14.24 -9.57 36.63
C VAL A 121 14.41 -8.74 37.89
N VAL A 122 15.67 -8.56 38.32
CA VAL A 122 15.99 -7.84 39.55
C VAL A 122 16.70 -6.55 39.18
N VAL A 123 16.16 -5.42 39.63
CA VAL A 123 16.77 -4.12 39.38
C VAL A 123 17.33 -3.55 40.68
N LYS A 128 15.53 0.92 35.31
CA LYS A 128 16.94 1.17 35.05
C LYS A 128 17.13 0.91 33.55
N ASN A 129 18.38 0.77 33.09
CA ASN A 129 18.59 0.36 31.70
C ASN A 129 18.01 -1.03 31.48
N SER A 130 17.79 -1.77 32.57
CA SER A 130 17.16 -3.09 32.50
C SER A 130 15.87 -3.05 31.71
N ALA A 131 15.13 -1.94 31.80
CA ALA A 131 13.86 -1.84 31.12
C ALA A 131 14.03 -1.85 29.60
N LYS A 132 15.17 -1.37 29.10
CA LYS A 132 15.42 -1.29 27.66
C LYS A 132 15.25 -2.66 27.02
N ASP A 133 16.01 -3.67 27.48
CA ASP A 133 15.93 -4.99 26.87
C ASP A 133 14.55 -5.60 27.05
N ILE A 134 13.86 -5.24 28.13
CA ILE A 134 12.51 -5.74 28.35
C ILE A 134 11.55 -5.17 27.31
N ALA A 135 11.69 -3.87 27.00
CA ALA A 135 10.78 -3.23 26.07
C ALA A 135 11.15 -3.48 24.61
N GLU A 136 12.41 -3.81 24.34
CA GLU A 136 12.81 -4.14 22.98
C GLU A 136 12.21 -5.47 22.55
N LYS A 137 12.12 -6.43 23.46
CA LYS A 137 11.67 -7.79 23.13
C LYS A 137 10.17 -7.98 23.28
N TYR A 138 9.52 -7.25 24.19
CA TYR A 138 8.13 -7.51 24.52
C TYR A 138 7.32 -6.23 24.42
N VAL A 139 6.02 -6.38 24.19
CA VAL A 139 5.10 -5.26 24.07
C VAL A 139 4.07 -5.36 25.19
N PHE A 140 3.81 -4.24 25.86
CA PHE A 140 2.93 -4.19 27.01
C PHE A 140 1.79 -3.24 26.71
N GLU A 141 0.73 -3.37 27.49
CA GLU A 141 -0.36 -2.40 27.47
C GLU A 141 -0.09 -1.34 28.53
N ASP A 142 -0.31 -0.07 28.16
CA ASP A 142 0.00 1.02 29.10
C ASP A 142 -0.83 0.96 30.36
N LYS A 143 -2.12 0.67 30.25
CA LYS A 143 -2.97 0.59 31.44
C LYS A 143 -2.36 -0.35 32.48
N ASP A 144 -1.79 -1.46 32.02
CA ASP A 144 -1.11 -2.38 32.93
C ASP A 144 0.10 -1.73 33.57
N LEU A 145 0.94 -1.07 32.75
CA LEU A 145 2.13 -0.43 33.29
C LEU A 145 1.74 0.74 34.17
N GLU A 146 0.64 1.42 33.83
CA GLU A 146 0.15 2.51 34.66
C GLU A 146 -0.30 2.00 36.03
N ASN A 147 -1.16 0.98 36.04
CA ASN A 147 -1.64 0.38 37.28
C ASN A 147 -0.48 -0.09 38.13
N ALA A 148 0.52 -0.70 37.50
CA ALA A 148 1.75 -1.06 38.21
C ALA A 148 2.30 0.13 38.98
N LEU A 149 2.39 1.29 38.31
CA LEU A 149 2.85 2.50 38.99
C LEU A 149 1.85 2.94 40.06
N LYS A 150 0.55 2.77 39.80
CA LYS A 150 -0.47 3.16 40.77
C LYS A 150 -0.38 2.34 42.05
N THR A 151 0.11 1.10 41.97
CA THR A 151 0.33 0.33 43.20
C THR A 151 1.68 0.65 43.82
N ILE A 152 2.71 0.88 43.00
CA ILE A 152 4.00 1.30 43.53
C ILE A 152 3.88 2.66 44.20
N ASN A 153 3.00 3.53 43.71
CA ASN A 153 2.82 4.88 44.23
C ASN A 153 1.67 4.95 45.24
N ALA A 154 1.53 3.94 46.09
CA ALA A 154 0.52 3.95 47.14
C ALA A 154 1.20 3.80 48.49
N SER A 155 0.53 4.31 49.52
CA SER A 155 1.05 4.16 50.87
C SER A 155 1.03 2.71 51.32
N ASP A 156 0.07 1.94 50.83
CA ASP A 156 -0.09 0.54 51.20
C ASP A 156 1.04 -0.34 50.68
N PHE A 157 1.83 0.16 49.72
CA PHE A 157 2.79 -0.68 49.01
C PHE A 157 3.90 -1.16 49.95
N SER A 158 4.04 -2.48 50.06
CA SER A 158 4.95 -3.13 51.00
C SER A 158 5.95 -4.00 50.26
N LYS A 159 6.95 -4.49 51.00
CA LYS A 159 7.96 -5.40 50.47
C LYS A 159 7.52 -6.86 50.55
N THR A 160 7.86 -7.63 49.51
CA THR A 160 7.65 -9.07 49.46
C THR A 160 8.99 -9.77 49.71
N ASP A 161 9.14 -10.39 50.87
CA ASP A 161 10.35 -11.12 51.23
C ASP A 161 11.61 -10.31 50.95
N SER A 162 11.70 -9.15 51.60
CA SER A 162 12.78 -8.18 51.48
C SER A 162 12.83 -7.47 50.13
N TYR A 163 11.86 -7.71 49.24
CA TYR A 163 11.86 -7.17 47.89
C TYR A 163 10.52 -6.52 47.57
N TYR A 164 10.55 -5.31 47.03
CA TYR A 164 9.39 -4.75 46.36
C TYR A 164 9.26 -5.40 44.98
N GLN A 165 8.03 -5.75 44.59
CA GLN A 165 7.85 -6.50 43.35
C GLN A 165 6.52 -6.16 42.70
N VAL A 166 6.51 -6.21 41.36
CA VAL A 166 5.29 -6.12 40.58
C VAL A 166 5.36 -7.16 39.47
N VAL A 167 4.20 -7.67 39.06
CA VAL A 167 4.10 -8.71 38.04
C VAL A 167 3.48 -8.11 36.78
N LEU A 168 4.16 -8.27 35.65
CA LEU A 168 3.71 -7.72 34.38
C LEU A 168 3.49 -8.84 33.37
N TYR A 169 2.43 -8.72 32.58
CA TYR A 169 2.11 -9.69 31.53
C TYR A 169 2.19 -9.01 30.17
N PRO A 170 3.25 -9.23 29.39
CA PRO A 170 3.29 -8.69 28.03
C PRO A 170 2.16 -9.23 27.16
N LYS A 171 1.70 -8.40 26.24
CA LYS A 171 0.72 -8.83 25.25
C LYS A 171 1.34 -9.81 24.25
N GLY A 172 2.60 -9.60 23.91
CA GLY A 172 3.29 -10.49 22.99
C GLY A 172 4.72 -10.02 22.79
N LYS A 173 5.36 -10.56 21.77
CA LYS A 173 6.72 -10.19 21.43
C LYS A 173 6.74 -9.07 20.41
N ARG A 174 7.70 -8.17 20.53
CA ARG A 174 7.86 -7.07 19.59
C ARG A 174 8.73 -7.48 18.41
N LEU A 175 8.40 -6.96 17.24
CA LEU A 175 9.21 -7.17 16.06
C LEU A 175 10.57 -6.48 16.24
N GLN A 176 11.64 -7.24 16.06
CA GLN A 176 13.00 -6.73 16.20
C GLN A 176 13.64 -6.55 14.82
N GLY A 177 14.74 -5.82 14.81
CA GLY A 177 15.49 -5.58 13.59
C GLY A 177 15.04 -4.39 12.79
N PHE A 178 14.15 -3.55 13.32
CA PHE A 178 13.68 -2.39 12.59
C PHE A 178 13.66 -1.16 13.48
N THR B 5 4.56 -23.42 42.69
CA THR B 5 3.38 -23.02 41.94
C THR B 5 2.93 -21.61 42.34
N ASN B 6 3.34 -20.63 41.54
CA ASN B 6 2.98 -19.23 41.79
C ASN B 6 1.61 -18.92 41.22
N TYR B 7 0.70 -18.48 42.08
CA TYR B 7 -0.61 -17.97 41.66
C TYR B 7 -0.50 -16.45 41.53
N ASN B 8 0.00 -16.02 40.37
CA ASN B 8 0.24 -14.61 40.12
C ASN B 8 -1.09 -13.84 40.11
N GLU B 9 -0.99 -12.53 40.31
CA GLU B 9 -2.06 -11.72 40.87
C GLU B 9 -2.99 -11.07 39.84
N GLY B 10 -2.87 -11.41 38.56
CA GLY B 10 -3.74 -10.77 37.59
C GLY B 10 -4.05 -11.65 36.39
N THR B 11 -5.02 -11.21 35.59
CA THR B 11 -5.33 -11.90 34.35
C THR B 11 -4.31 -11.51 33.29
N ALA B 12 -3.79 -12.52 32.60
CA ALA B 12 -2.79 -12.31 31.55
C ALA B 12 -3.44 -12.31 30.18
N TYR B 13 -2.61 -12.17 29.16
CA TYR B 13 -3.05 -12.20 27.76
C TYR B 13 -2.83 -13.58 27.17
N GLY B 14 -3.72 -13.95 26.24
CA GLY B 14 -3.60 -15.23 25.56
C GLY B 14 -2.22 -15.50 24.99
N ASN B 15 -1.57 -14.46 24.46
CA ASN B 15 -0.25 -14.60 23.84
C ASN B 15 0.87 -14.09 24.74
N THR B 16 0.66 -14.05 26.05
CA THR B 16 1.70 -13.67 26.98
C THR B 16 2.86 -14.66 26.86
N PRO B 17 4.03 -14.21 26.39
CA PRO B 17 5.17 -15.12 26.27
C PRO B 17 5.82 -15.44 27.61
N VAL B 18 5.92 -14.44 28.48
CA VAL B 18 6.59 -14.60 29.77
C VAL B 18 5.78 -13.89 30.84
N ILE B 19 5.82 -14.44 32.06
CA ILE B 19 5.26 -13.78 33.22
C ILE B 19 6.40 -13.09 33.95
N LEU B 20 6.57 -11.80 33.70
CA LEU B 20 7.66 -11.03 34.26
C LEU B 20 7.35 -10.64 35.70
N THR B 21 8.31 -10.86 36.59
CA THR B 21 8.26 -10.33 37.95
C THR B 21 9.44 -9.37 38.11
N LEU B 22 9.13 -8.08 38.20
CA LEU B 22 10.14 -7.06 38.46
C LEU B 22 10.26 -6.86 39.97
N LYS B 23 11.46 -7.05 40.51
CA LYS B 23 11.64 -6.94 41.95
C LYS B 23 12.89 -6.13 42.27
N SER B 24 12.88 -5.47 43.43
CA SER B 24 14.01 -4.68 43.88
C SER B 24 13.88 -4.39 45.36
N THR B 25 15.04 -4.17 46.00
CA THR B 25 15.04 -3.71 47.39
C THR B 25 14.52 -2.28 47.50
N SER B 26 14.84 -1.43 46.52
CA SER B 26 14.49 -0.03 46.57
C SER B 26 13.22 0.21 45.77
N LYS B 27 12.22 0.81 46.42
CA LYS B 27 11.00 1.20 45.72
C LYS B 27 11.30 2.23 44.63
N SER B 28 12.36 3.01 44.80
CA SER B 28 12.74 3.99 43.78
C SER B 28 13.29 3.30 42.54
N ASN B 29 14.21 2.34 42.73
CA ASN B 29 14.76 1.63 41.58
C ASN B 29 13.65 0.90 40.81
N LEU B 30 12.67 0.36 41.53
CA LEU B 30 11.56 -0.30 40.86
C LEU B 30 10.66 0.73 40.17
N LYS B 31 10.46 1.89 40.80
CA LYS B 31 9.65 2.94 40.20
C LYS B 31 10.22 3.38 38.85
N THR B 32 11.52 3.64 38.79
CA THR B 32 12.11 4.13 37.53
C THR B 32 12.12 3.05 36.47
N ALA B 33 12.34 1.80 36.84
CA ALA B 33 12.35 0.71 35.87
C ALA B 33 11.01 0.61 35.15
N VAL B 34 9.92 0.67 35.91
CA VAL B 34 8.59 0.55 35.31
C VAL B 34 8.23 1.84 34.56
N GLU B 35 8.65 2.99 35.09
CA GLU B 35 8.43 4.25 34.40
C GLU B 35 9.14 4.26 33.05
N GLU B 36 10.44 3.95 33.04
CA GLU B 36 11.20 3.87 31.80
C GLU B 36 10.60 2.84 30.86
N LEU B 37 10.06 1.75 31.40
CA LEU B 37 9.43 0.74 30.57
C LEU B 37 8.16 1.28 29.90
N GLN B 38 7.38 2.07 30.63
CA GLN B 38 6.19 2.67 30.05
C GLN B 38 6.56 3.62 28.92
N LYS B 39 7.60 4.43 29.13
CA LYS B 39 8.02 5.38 28.11
C LYS B 39 8.59 4.66 26.90
N LEU B 40 9.51 3.72 27.12
CA LEU B 40 10.11 3.00 25.99
C LEU B 40 9.08 2.14 25.27
N ASN B 41 8.02 1.71 25.97
CA ASN B 41 6.96 0.95 25.32
C ASN B 41 6.12 1.85 24.42
N ALA B 42 5.82 3.06 24.88
CA ALA B 42 5.01 3.98 24.10
C ALA B 42 5.81 4.67 23.00
N SER B 43 7.13 4.66 23.09
CA SER B 43 7.96 5.33 22.08
C SER B 43 7.70 4.79 20.68
N TYR B 44 7.22 3.54 20.57
CA TYR B 44 6.96 2.91 19.29
C TYR B 44 5.65 3.40 18.67
N SER B 45 4.81 4.09 19.43
CA SER B 45 3.63 4.74 18.90
C SER B 45 3.66 6.25 19.11
N ASN B 46 4.67 6.76 19.81
CA ASN B 46 4.84 8.18 20.08
C ASN B 46 5.79 8.84 19.09
N THR B 47 6.98 8.28 18.93
CA THR B 47 8.02 8.86 18.12
C THR B 47 8.03 8.22 16.73
N THR B 48 8.25 9.04 15.71
CA THR B 48 8.57 8.57 14.37
C THR B 48 9.81 9.31 13.90
N THR B 49 10.57 8.68 13.02
CA THR B 49 11.70 9.33 12.37
C THR B 49 11.55 9.18 10.87
N LEU B 50 11.36 10.30 10.19
CA LEU B 50 11.27 10.35 8.73
C LEU B 50 12.58 10.95 8.23
N ALA B 51 13.53 10.08 7.89
CA ALA B 51 14.85 10.53 7.47
C ALA B 51 15.41 9.56 6.44
N GLY B 52 16.34 10.06 5.64
CA GLY B 52 17.04 9.26 4.66
C GLY B 52 18.49 9.67 4.57
N ASP B 53 19.22 9.02 3.65
CA ASP B 53 20.63 9.31 3.51
C ASP B 53 20.90 10.72 2.98
N ASP B 54 19.92 11.36 2.36
CA ASP B 54 20.09 12.72 1.88
C ASP B 54 18.73 13.43 1.85
N ARG B 55 18.75 14.70 1.43
CA ARG B 55 17.52 15.50 1.40
C ARG B 55 16.47 14.85 0.52
N ILE B 56 16.88 14.38 -0.66
CA ILE B 56 15.93 13.85 -1.63
C ILE B 56 15.19 12.66 -1.07
N GLN B 57 15.91 11.75 -0.41
CA GLN B 57 15.26 10.57 0.15
C GLN B 57 14.37 10.93 1.33
N THR B 58 14.81 11.88 2.16
CA THR B 58 14.00 12.27 3.32
C THR B 58 12.64 12.78 2.90
N ALA B 59 12.58 13.63 1.88
CA ALA B 59 11.29 14.14 1.41
C ALA B 59 10.42 13.01 0.90
N ILE B 60 11.02 12.00 0.23
CA ILE B 60 10.28 10.82 -0.19
C ILE B 60 9.70 10.10 1.02
N GLU B 61 10.47 10.01 2.11
CA GLU B 61 9.98 9.33 3.31
C GLU B 61 8.75 10.02 3.87
N ILE B 62 8.71 11.36 3.79
CA ILE B 62 7.54 12.09 4.28
C ILE B 62 6.35 11.85 3.35
N SER B 63 6.60 11.82 2.03
CA SER B 63 5.53 11.54 1.09
C SER B 63 4.99 10.13 1.28
N LYS B 64 5.87 9.16 1.53
CA LYS B 64 5.41 7.80 1.78
C LYS B 64 4.59 7.70 3.05
N GLU B 65 4.85 8.58 4.03
CA GLU B 65 4.19 8.49 5.32
C GLU B 65 2.78 9.07 5.30
N TYR B 66 2.57 10.19 4.62
CA TYR B 66 1.35 10.98 4.78
C TYR B 66 0.48 11.06 3.53
N TYR B 67 0.91 10.52 2.40
CA TYR B 67 0.17 10.66 1.15
C TYR B 67 0.04 9.31 0.48
N ASN B 68 -1.20 8.90 0.24
CA ASN B 68 -1.54 7.61 -0.37
C ASN B 68 -0.91 6.45 0.41
N ASN B 69 -1.19 6.42 1.71
CA ASN B 69 -0.67 5.38 2.59
C ASN B 69 -1.52 5.32 3.85
N ASP B 70 -2.47 4.38 3.90
CA ASP B 70 -3.36 4.10 5.03
C ASP B 70 -4.70 4.84 4.97
N GLY B 71 -4.81 5.87 4.13
CA GLY B 71 -6.08 6.55 3.95
C GLY B 71 -6.31 7.70 4.92
N GLU B 72 -7.32 8.51 4.62
CA GLU B 72 -7.67 9.67 5.44
C GLU B 72 -8.68 9.29 6.51
N LYS B 73 -8.47 9.79 7.73
CA LYS B 73 -9.39 9.57 8.84
C LYS B 73 -9.96 10.91 9.32
N SER B 74 -11.13 10.81 9.97
CA SER B 74 -11.83 12.01 10.43
C SER B 74 -11.15 12.69 11.61
N ASP B 75 -10.33 11.95 12.37
CA ASP B 75 -9.55 12.55 13.44
C ASP B 75 -8.35 13.33 12.91
N HIS B 76 -8.13 13.32 11.60
CA HIS B 76 -6.93 13.88 10.99
C HIS B 76 -5.70 13.20 11.58
N SER B 77 -5.84 11.90 11.86
CA SER B 77 -4.82 11.11 12.51
C SER B 77 -4.10 10.18 11.55
N ALA B 78 -4.33 10.33 10.26
CA ALA B 78 -3.69 9.47 9.27
C ALA B 78 -3.05 10.29 8.16
N ASP B 79 -3.68 10.30 6.99
CA ASP B 79 -3.09 10.91 5.82
C ASP B 79 -3.59 12.33 5.61
N VAL B 80 -2.73 13.16 5.02
CA VAL B 80 -3.17 14.47 4.58
C VAL B 80 -4.06 14.34 3.36
N LYS B 81 -3.70 13.40 2.47
CA LYS B 81 -4.47 13.13 1.27
C LYS B 81 -4.27 11.68 0.87
N GLU B 82 -5.35 10.98 0.53
CA GLU B 82 -5.24 9.61 0.04
C GLU B 82 -5.36 9.52 -1.49
N ASN B 83 -6.20 10.36 -2.09
CA ASN B 83 -6.32 10.43 -3.54
C ASN B 83 -5.57 11.68 -3.98
N VAL B 84 -4.27 11.50 -4.22
CA VAL B 84 -3.42 12.63 -4.53
C VAL B 84 -3.45 12.90 -6.03
N LYS B 85 -3.64 14.16 -6.40
CA LYS B 85 -3.67 14.57 -7.79
C LYS B 85 -2.60 15.59 -8.15
N ASN B 86 -1.88 16.15 -7.18
CA ASN B 86 -0.87 17.16 -7.45
C ASN B 86 0.39 16.86 -6.66
N VAL B 87 1.51 17.37 -7.16
CA VAL B 87 2.81 17.27 -6.49
C VAL B 87 3.53 18.62 -6.62
N VAL B 88 4.16 19.06 -5.54
CA VAL B 88 5.04 20.23 -5.55
C VAL B 88 6.49 19.75 -5.57
N LEU B 89 7.28 20.27 -6.51
CA LEU B 89 8.65 19.85 -6.71
C LEU B 89 9.60 21.03 -6.55
N VAL B 90 10.71 20.81 -5.84
CA VAL B 90 11.66 21.85 -5.50
C VAL B 90 13.07 21.35 -5.76
N GLY B 91 13.98 22.27 -6.10
CA GLY B 91 15.38 21.90 -6.26
C GLY B 91 16.01 21.59 -4.92
N ALA B 92 16.70 20.45 -4.84
CA ALA B 92 17.32 20.02 -3.58
C ALA B 92 18.38 20.98 -3.10
N ASN B 93 19.05 21.68 -4.02
CA ASN B 93 20.05 22.67 -3.67
C ASN B 93 19.53 24.09 -3.79
N ALA B 94 18.23 24.26 -4.03
CA ALA B 94 17.62 25.57 -4.21
C ALA B 94 16.53 25.78 -3.16
N LEU B 95 16.97 25.98 -1.91
CA LEU B 95 16.02 26.22 -0.84
C LEU B 95 15.40 27.61 -0.96
N VAL B 96 16.19 28.59 -1.41
CA VAL B 96 15.73 29.97 -1.48
C VAL B 96 14.61 30.12 -2.52
N ASP B 97 14.60 29.28 -3.56
CA ASP B 97 13.53 29.35 -4.54
C ASP B 97 12.23 28.78 -3.98
N GLY B 98 12.30 27.63 -3.33
CA GLY B 98 11.12 26.96 -2.82
C GLY B 98 10.76 27.30 -1.39
N LEU B 99 11.35 28.36 -0.85
CA LEU B 99 11.23 28.68 0.57
C LEU B 99 9.78 28.76 1.03
N VAL B 100 8.89 29.31 0.21
CA VAL B 100 7.51 29.52 0.62
C VAL B 100 6.56 28.56 -0.10
N ALA B 101 7.08 27.40 -0.51
CA ALA B 101 6.26 26.44 -1.24
C ALA B 101 5.39 25.58 -0.33
N ALA B 102 5.65 25.57 0.98
CA ALA B 102 4.88 24.71 1.88
C ALA B 102 3.39 25.04 1.88
N PRO B 103 2.95 26.29 2.00
CA PRO B 103 1.51 26.57 1.90
C PRO B 103 0.93 26.26 0.54
N LEU B 104 1.75 26.29 -0.51
CA LEU B 104 1.28 25.85 -1.83
C LEU B 104 1.00 24.35 -1.82
N ALA B 105 1.95 23.55 -1.33
CA ALA B 105 1.73 22.12 -1.17
C ALA B 105 0.47 21.85 -0.36
N ALA B 106 0.20 22.70 0.63
CA ALA B 106 -1.01 22.55 1.42
C ALA B 106 -2.26 22.78 0.60
N GLU B 107 -2.32 23.90 -0.13
CA GLU B 107 -3.53 24.21 -0.89
C GLU B 107 -3.77 23.20 -2.00
N LYS B 108 -2.70 22.70 -2.62
CA LYS B 108 -2.81 21.74 -3.71
C LYS B 108 -2.95 20.31 -3.22
N ASP B 109 -3.00 20.08 -1.90
CA ASP B 109 -3.09 18.74 -1.32
C ASP B 109 -1.99 17.83 -1.84
N ALA B 110 -0.76 18.32 -1.79
CA ALA B 110 0.35 17.67 -2.48
C ALA B 110 1.51 17.43 -1.53
N PRO B 111 2.24 16.33 -1.74
CA PRO B 111 3.56 16.20 -1.11
C PRO B 111 4.54 17.17 -1.75
N LEU B 112 5.55 17.55 -0.98
CA LEU B 112 6.62 18.40 -1.49
C LEU B 112 7.86 17.51 -1.61
N LEU B 113 8.32 17.30 -2.84
CA LEU B 113 9.46 16.45 -3.13
C LEU B 113 10.62 17.28 -3.66
N LEU B 114 11.81 16.70 -3.58
CA LEU B 114 13.06 17.34 -3.98
C LEU B 114 13.71 16.57 -5.10
N THR B 115 14.27 17.29 -6.07
CA THR B 115 14.99 16.68 -7.18
C THR B 115 16.35 17.34 -7.35
N SER B 116 17.20 16.70 -8.15
CA SER B 116 18.46 17.30 -8.55
C SER B 116 18.22 18.33 -9.65
N LYS B 117 19.22 19.19 -9.85
CA LYS B 117 19.09 20.29 -10.80
C LYS B 117 18.91 19.77 -12.22
N ASP B 118 19.88 18.98 -12.70
CA ASP B 118 19.99 18.68 -14.13
C ASP B 118 18.96 17.66 -14.60
N LYS B 119 18.92 16.49 -13.96
CA LYS B 119 18.07 15.40 -14.41
C LYS B 119 17.30 14.81 -13.24
N LEU B 120 16.00 14.59 -13.44
CA LEU B 120 15.14 14.03 -12.42
C LEU B 120 15.70 12.72 -11.88
N ASP B 121 15.59 12.53 -10.57
CA ASP B 121 16.11 11.34 -9.92
C ASP B 121 15.14 10.18 -10.05
N SER B 122 15.68 8.97 -10.30
CA SER B 122 14.83 7.79 -10.39
C SER B 122 14.04 7.58 -9.10
N SER B 123 14.67 7.86 -7.96
CA SER B 123 13.99 7.78 -6.67
C SER B 123 12.71 8.61 -6.67
N VAL B 124 12.80 9.86 -7.16
CA VAL B 124 11.67 10.77 -7.13
C VAL B 124 10.64 10.38 -8.18
N LYS B 125 11.11 9.99 -9.37
CA LYS B 125 10.20 9.56 -10.42
C LYS B 125 9.36 8.38 -9.97
N SER B 126 9.95 7.44 -9.23
CA SER B 126 9.19 6.34 -8.65
C SER B 126 8.18 6.84 -7.64
N GLU B 127 8.59 7.78 -6.77
CA GLU B 127 7.69 8.30 -5.75
C GLU B 127 6.48 8.97 -6.39
N ILE B 128 6.71 9.84 -7.38
CA ILE B 128 5.61 10.52 -8.05
C ILE B 128 4.63 9.51 -8.64
N LYS B 129 5.15 8.47 -9.29
CA LYS B 129 4.29 7.40 -9.79
C LYS B 129 3.47 6.78 -8.66
N ARG B 130 4.11 6.54 -7.50
CA ARG B 130 3.43 5.91 -6.37
C ARG B 130 2.31 6.79 -5.84
N VAL B 131 2.65 7.99 -5.38
CA VAL B 131 1.70 8.84 -4.67
C VAL B 131 0.54 9.26 -5.57
N LEU B 132 0.78 9.38 -6.87
CA LEU B 132 -0.27 9.75 -7.81
C LEU B 132 -1.01 8.55 -8.38
N ASP B 133 -0.57 7.33 -8.06
CA ASP B 133 -1.18 6.09 -8.55
C ASP B 133 -1.17 6.04 -10.08
N LEU B 134 -0.02 6.36 -10.65
CA LEU B 134 0.14 6.32 -12.10
C LEU B 134 0.42 4.89 -12.55
N LYS B 135 -0.41 4.37 -13.44
CA LYS B 135 -0.20 3.06 -14.03
C LYS B 135 -0.33 3.16 -15.55
N THR B 136 0.43 2.31 -16.26
CA THR B 136 0.43 2.32 -17.72
C THR B 136 -0.89 1.87 -18.31
N SER B 137 -1.85 1.42 -17.49
CA SER B 137 -3.14 0.95 -17.97
C SER B 137 -4.18 2.05 -18.09
N THR B 138 -4.02 3.16 -17.36
CA THR B 138 -4.99 4.25 -17.38
C THR B 138 -4.33 5.52 -17.91
N GLU B 139 -5.15 6.36 -18.54
CA GLU B 139 -4.67 7.65 -19.04
C GLU B 139 -4.27 8.53 -17.87
N VAL B 140 -3.08 9.12 -17.97
CA VAL B 140 -2.61 10.08 -16.96
C VAL B 140 -3.27 11.42 -17.28
N THR B 141 -4.34 11.76 -16.56
CA THR B 141 -5.06 13.01 -16.76
C THR B 141 -5.41 13.61 -15.40
N GLY B 142 -5.51 14.93 -15.37
CA GLY B 142 -5.87 15.61 -14.15
C GLY B 142 -4.80 15.61 -13.09
N LYS B 143 -3.56 15.31 -13.47
CA LYS B 143 -2.45 15.21 -12.53
C LYS B 143 -1.45 16.31 -12.87
N THR B 144 -1.10 17.13 -11.87
CA THR B 144 -0.25 18.29 -12.10
C THR B 144 0.96 18.28 -11.15
N VAL B 145 2.10 18.74 -11.65
CA VAL B 145 3.30 18.95 -10.87
C VAL B 145 3.64 20.43 -10.92
N TYR B 146 3.61 21.08 -9.76
CA TYR B 146 4.01 22.49 -9.66
C TYR B 146 5.47 22.57 -9.24
N ILE B 147 6.31 23.12 -10.12
CA ILE B 147 7.72 23.34 -9.84
C ILE B 147 7.91 24.72 -9.25
N ALA B 148 8.35 24.78 -8.00
CA ALA B 148 8.70 26.04 -7.35
C ALA B 148 10.19 26.28 -7.54
N GLY B 149 10.53 27.16 -8.46
CA GLY B 149 11.91 27.51 -8.74
C GLY B 149 12.12 27.74 -10.22
N GLY B 150 13.25 28.36 -10.55
CA GLY B 150 13.59 28.67 -11.92
C GLY B 150 14.39 27.55 -12.58
N VAL B 151 14.82 27.84 -13.80
CA VAL B 151 15.49 26.83 -14.62
C VAL B 151 16.88 26.52 -14.07
N ASN B 152 17.40 27.38 -13.20
CA ASN B 152 18.66 27.11 -12.52
C ASN B 152 18.47 26.25 -11.28
N SER B 153 17.24 26.13 -10.78
CA SER B 153 16.92 25.26 -9.66
C SER B 153 16.45 23.88 -10.12
N VAL B 154 15.45 23.86 -11.00
CA VAL B 154 14.93 22.65 -11.61
C VAL B 154 15.02 22.84 -13.11
N SER B 155 15.78 21.98 -13.77
CA SER B 155 16.12 22.16 -15.17
C SER B 155 14.91 21.99 -16.09
N LYS B 156 15.14 22.31 -17.37
CA LYS B 156 14.17 22.02 -18.41
C LYS B 156 14.08 20.51 -18.64
N GLU B 157 15.19 19.79 -18.45
CA GLU B 157 15.21 18.35 -18.67
C GLU B 157 14.28 17.64 -17.69
N VAL B 158 14.21 18.13 -16.45
CA VAL B 158 13.27 17.56 -15.48
C VAL B 158 11.84 17.69 -15.99
N VAL B 159 11.52 18.84 -16.62
CA VAL B 159 10.16 19.05 -17.07
C VAL B 159 9.80 18.11 -18.22
N THR B 160 10.69 17.98 -19.21
CA THR B 160 10.39 17.11 -20.35
C THR B 160 10.20 15.68 -19.90
N GLU B 161 10.97 15.24 -18.89
CA GLU B 161 10.77 13.89 -18.37
C GLU B 161 9.45 13.79 -17.61
N LEU B 162 9.12 14.81 -16.82
CA LEU B 162 7.83 14.83 -16.13
C LEU B 162 6.68 14.83 -17.13
N GLU B 163 6.89 15.40 -18.31
CA GLU B 163 5.86 15.43 -19.34
C GLU B 163 5.75 14.10 -20.06
N SER B 164 6.86 13.37 -20.22
CA SER B 164 6.83 12.03 -20.77
C SER B 164 6.05 11.07 -19.89
N MET B 165 5.73 11.45 -18.67
CA MET B 165 4.91 10.66 -17.77
C MET B 165 3.43 10.95 -17.93
N GLY B 166 3.07 11.88 -18.82
CA GLY B 166 1.70 12.29 -18.98
C GLY B 166 1.22 13.31 -17.98
N LEU B 167 2.14 13.96 -17.26
CA LEU B 167 1.81 14.90 -16.21
C LEU B 167 1.83 16.32 -16.73
N LYS B 168 0.90 17.14 -16.25
CA LYS B 168 0.92 18.56 -16.52
C LYS B 168 1.94 19.22 -15.58
N VAL B 169 2.70 20.18 -16.11
CA VAL B 169 3.72 20.86 -15.33
C VAL B 169 3.45 22.36 -15.36
N GLU B 170 3.55 22.98 -14.19
CA GLU B 170 3.45 24.43 -14.04
C GLU B 170 4.65 24.93 -13.24
N ARG B 171 5.43 25.83 -13.83
CA ARG B 171 6.55 26.44 -13.11
C ARG B 171 6.12 27.76 -12.49
N PHE B 172 6.60 28.00 -11.27
CA PHE B 172 6.48 29.30 -10.60
C PHE B 172 7.88 29.82 -10.33
N SER B 173 8.27 30.89 -11.03
CA SER B 173 9.63 31.41 -10.88
C SER B 173 9.70 32.84 -11.36
N GLY B 174 10.70 33.56 -10.84
CA GLY B 174 10.98 34.92 -11.24
C GLY B 174 12.47 35.17 -11.37
N ASP B 175 12.89 36.43 -11.29
CA ASP B 175 14.30 36.77 -11.45
C ASP B 175 15.10 36.64 -10.16
N ASP B 176 14.46 36.38 -9.03
CA ASP B 176 15.14 36.33 -7.74
C ASP B 176 14.26 35.63 -6.72
N ARG B 177 14.76 35.58 -5.48
CA ARG B 177 13.99 35.01 -4.36
C ARG B 177 12.59 35.61 -4.30
N TYR B 178 12.50 36.93 -4.46
CA TYR B 178 11.31 37.67 -4.07
C TYR B 178 10.23 37.58 -5.13
N GLU B 179 10.63 37.57 -6.40
CA GLU B 179 9.66 37.39 -7.48
C GLU B 179 9.09 35.98 -7.46
N THR B 180 9.94 34.98 -7.25
CA THR B 180 9.48 33.60 -7.19
C THR B 180 8.47 33.42 -6.06
N SER B 181 8.79 33.90 -4.86
CA SER B 181 7.85 33.83 -3.75
C SER B 181 6.52 34.50 -4.10
N LEU B 182 6.58 35.62 -4.82
CA LEU B 182 5.36 36.32 -5.20
C LEU B 182 4.54 35.51 -6.18
N LYS B 183 5.21 34.78 -7.08
CA LYS B 183 4.48 33.93 -8.03
C LYS B 183 3.79 32.79 -7.32
N ILE B 184 4.45 32.21 -6.32
CA ILE B 184 3.84 31.13 -5.54
C ILE B 184 2.68 31.66 -4.72
N ALA B 185 2.92 32.76 -3.98
CA ALA B 185 1.86 33.38 -3.20
C ALA B 185 0.65 33.72 -4.06
N ASP B 186 0.89 34.20 -5.29
CA ASP B 186 -0.22 34.59 -6.15
C ASP B 186 -1.08 33.37 -6.52
N GLU B 187 -0.46 32.20 -6.62
CA GLU B 187 -1.23 30.98 -6.83
C GLU B 187 -2.10 30.65 -5.63
N ILE B 188 -1.58 30.85 -4.42
CA ILE B 188 -2.33 30.50 -3.22
C ILE B 188 -3.49 31.47 -3.00
N GLY B 189 -3.23 32.78 -3.10
CA GLY B 189 -4.25 33.78 -2.97
C GLY B 189 -4.50 34.22 -1.54
N LEU B 190 -5.25 35.31 -1.41
CA LEU B 190 -5.52 35.91 -0.11
C LEU B 190 -6.95 35.65 0.34
N ASP B 191 -7.39 34.39 0.29
CA ASP B 191 -8.75 34.06 0.72
C ASP B 191 -8.97 34.35 2.19
N ASN B 192 -7.90 34.46 2.97
CA ASN B 192 -7.97 34.76 4.40
C ASN B 192 -7.55 36.20 4.70
N ASP B 193 -7.41 37.04 3.68
CA ASP B 193 -7.00 38.44 3.83
C ASP B 193 -5.75 38.59 4.71
N LYS B 194 -4.76 37.74 4.47
CA LYS B 194 -3.55 37.83 5.27
C LYS B 194 -2.38 37.26 4.47
N ALA B 195 -1.17 37.70 4.85
CA ALA B 195 0.07 37.18 4.29
C ALA B 195 1.17 37.26 5.34
N TYR B 196 2.10 36.33 5.28
CA TYR B 196 3.25 36.30 6.16
C TYR B 196 4.49 36.75 5.38
N VAL B 197 5.30 37.61 6.00
CA VAL B 197 6.46 38.19 5.32
C VAL B 197 7.73 37.77 6.05
N VAL B 198 8.76 37.40 5.27
CA VAL B 198 10.06 37.00 5.80
C VAL B 198 11.15 37.65 4.96
N GLY B 199 12.35 37.74 5.56
CA GLY B 199 13.49 38.31 4.86
C GLY B 199 14.26 37.29 4.04
N GLY B 200 14.98 37.81 3.03
CA GLY B 200 15.77 36.97 2.14
C GLY B 200 16.81 36.11 2.85
N THR B 201 17.24 36.51 4.03
CA THR B 201 18.15 35.72 4.85
C THR B 201 17.44 34.99 5.97
N GLY B 202 16.14 35.23 6.13
CA GLY B 202 15.38 34.60 7.20
C GLY B 202 14.87 33.24 6.79
N LEU B 203 15.79 32.37 6.38
CA LEU B 203 15.39 31.04 5.93
C LEU B 203 14.83 30.22 7.08
N ALA B 204 15.45 30.32 8.26
CA ALA B 204 14.91 29.64 9.43
C ALA B 204 13.60 30.26 9.90
N ASP B 205 13.33 31.51 9.52
CA ASP B 205 12.07 32.13 9.92
C ASP B 205 10.92 31.64 9.05
N ALA B 206 11.18 31.41 7.76
CA ALA B 206 10.14 30.84 6.90
C ALA B 206 9.82 29.41 7.28
N MET B 207 10.82 28.67 7.77
CA MET B 207 10.59 27.29 8.15
C MET B 207 9.79 27.19 9.43
N SER B 208 9.91 28.20 10.31
CA SER B 208 9.13 28.19 11.54
C SER B 208 7.66 28.51 11.26
N ILE B 209 7.40 29.42 10.32
CA ILE B 209 6.03 29.85 10.05
C ILE B 209 5.32 28.96 9.05
N ALA B 210 6.05 28.19 8.23
CA ALA B 210 5.43 27.28 7.27
C ALA B 210 4.30 26.48 7.88
N SER B 211 4.51 25.96 9.09
CA SER B 211 3.46 25.25 9.83
C SER B 211 2.17 26.06 9.91
N VAL B 212 2.27 27.29 10.41
CA VAL B 212 1.08 28.11 10.62
C VAL B 212 0.47 28.50 9.28
N ALA B 213 1.30 28.82 8.29
CA ALA B 213 0.78 29.23 6.99
C ALA B 213 0.03 28.10 6.31
N SER B 214 0.49 26.87 6.49
CA SER B 214 -0.14 25.72 5.85
C SER B 214 -1.39 25.24 6.58
N THR B 215 -1.81 25.93 7.64
CA THR B 215 -3.02 25.58 8.36
C THR B 215 -4.24 26.18 7.67
N LYS B 216 -5.15 25.32 7.23
CA LYS B 216 -6.32 25.72 6.43
C LYS B 216 -7.41 26.27 7.33
N LEU B 217 -7.62 27.58 7.26
CA LEU B 217 -8.63 28.29 8.02
C LEU B 217 -9.90 28.48 7.22
N ASP B 218 -11.02 28.68 7.91
CA ASP B 218 -12.27 28.96 7.22
C ASP B 218 -12.49 30.48 7.19
N GLY B 219 -13.74 30.90 6.96
CA GLY B 219 -14.02 32.34 6.85
C GLY B 219 -13.98 33.08 8.18
N ASN B 220 -14.32 32.39 9.26
CA ASN B 220 -14.31 32.98 10.59
C ASN B 220 -12.99 32.72 11.31
N GLY B 221 -12.04 32.07 10.64
CA GLY B 221 -10.77 31.76 11.24
C GLY B 221 -10.76 30.47 12.01
N VAL B 222 -11.82 29.68 11.93
CA VAL B 222 -11.79 28.35 12.53
C VAL B 222 -10.94 27.45 11.64
N VAL B 223 -10.62 26.26 12.14
CA VAL B 223 -9.74 25.37 11.39
C VAL B 223 -10.63 24.41 10.61
N ASP B 224 -10.60 24.55 9.28
CA ASP B 224 -11.36 23.69 8.38
C ASP B 224 -10.36 23.09 7.40
N ARG B 225 -9.94 21.86 7.67
CA ARG B 225 -9.02 21.16 6.78
C ARG B 225 -9.74 20.53 5.59
N THR B 226 -11.03 20.80 5.44
CA THR B 226 -11.82 20.27 4.33
C THR B 226 -12.15 21.33 3.29
N ASN B 227 -12.77 22.44 3.72
CA ASN B 227 -13.14 23.52 2.82
C ASN B 227 -12.34 24.80 3.09
N GLY B 228 -11.21 24.70 3.78
CA GLY B 228 -10.46 25.86 4.20
C GLY B 228 -9.33 26.21 3.25
N HIS B 229 -8.64 27.29 3.57
CA HIS B 229 -7.58 27.84 2.74
C HIS B 229 -6.34 28.14 3.58
N ALA B 230 -5.17 27.93 2.98
CA ALA B 230 -3.91 28.27 3.61
C ALA B 230 -3.55 29.72 3.34
N THR B 231 -2.52 30.21 4.05
CA THR B 231 -2.06 31.59 3.93
C THR B 231 -0.71 31.64 3.25
N PRO B 232 -0.52 32.53 2.28
CA PRO B 232 0.77 32.61 1.58
C PRO B 232 1.85 33.30 2.40
N ILE B 233 3.09 32.96 2.06
CA ILE B 233 4.27 33.61 2.60
C ILE B 233 4.98 34.30 1.45
N VAL B 234 5.44 35.53 1.70
CA VAL B 234 6.18 36.30 0.69
C VAL B 234 7.54 36.67 1.26
N VAL B 235 8.57 36.57 0.42
CA VAL B 235 9.93 36.94 0.78
C VAL B 235 10.19 38.36 0.30
N VAL B 236 10.88 39.14 1.13
CA VAL B 236 11.23 40.52 0.83
C VAL B 236 12.73 40.69 1.04
N ASP B 237 13.28 41.72 0.39
CA ASP B 237 14.71 42.00 0.51
C ASP B 237 15.10 42.30 1.95
N GLY B 238 14.39 43.23 2.59
CA GLY B 238 14.86 43.73 3.86
C GLY B 238 16.01 44.68 3.55
N LYS B 239 16.46 45.46 4.53
CA LYS B 239 17.51 46.45 4.30
C LYS B 239 17.20 47.26 3.05
N ALA B 240 15.92 47.57 2.86
CA ALA B 240 15.45 48.30 1.70
C ALA B 240 14.26 49.15 2.12
N ASP B 241 13.96 50.15 1.29
CA ASP B 241 13.02 51.20 1.65
C ASP B 241 11.66 51.11 0.99
N LYS B 242 11.57 50.56 -0.22
CA LYS B 242 10.32 50.49 -0.95
C LYS B 242 9.97 49.04 -1.27
N ILE B 243 8.68 48.81 -1.54
CA ILE B 243 8.22 47.53 -2.07
C ILE B 243 7.92 47.72 -3.54
N SER B 244 8.05 46.64 -4.31
CA SER B 244 7.77 46.70 -5.73
C SER B 244 6.27 46.84 -5.97
N ASP B 245 5.92 47.21 -7.21
CA ASP B 245 4.51 47.32 -7.59
C ASP B 245 3.82 45.97 -7.53
N ASP B 246 4.54 44.90 -7.86
CA ASP B 246 3.94 43.56 -7.85
C ASP B 246 3.50 43.18 -6.44
N LEU B 247 4.38 43.39 -5.46
CA LEU B 247 4.02 43.09 -4.08
C LEU B 247 2.90 44.01 -3.59
N ASP B 248 2.94 45.28 -3.98
CA ASP B 248 1.87 46.20 -3.63
C ASP B 248 0.53 45.72 -4.17
N SER B 249 0.49 45.39 -5.46
CA SER B 249 -0.76 44.93 -6.07
C SER B 249 -1.22 43.60 -5.49
N PHE B 250 -0.27 42.74 -5.12
CA PHE B 250 -0.65 41.49 -4.46
C PHE B 250 -1.25 41.75 -3.09
N LEU B 251 -0.50 42.42 -2.21
CA LEU B 251 -0.92 42.57 -0.81
C LEU B 251 -2.25 43.31 -0.72
N GLY B 252 -2.40 44.40 -1.45
CA GLY B 252 -3.62 45.18 -1.40
C GLY B 252 -3.92 45.71 -0.01
N SER B 253 -5.01 45.23 0.59
CA SER B 253 -5.40 45.69 1.92
C SER B 253 -5.53 44.51 2.89
N ALA B 254 -4.53 43.64 2.92
CA ALA B 254 -4.58 42.42 3.71
C ALA B 254 -3.69 42.54 4.94
N ASP B 255 -4.07 41.83 6.01
CA ASP B 255 -3.28 41.82 7.22
C ASP B 255 -1.94 41.14 6.96
N VAL B 256 -0.89 41.64 7.63
CA VAL B 256 0.47 41.15 7.41
C VAL B 256 1.12 40.92 8.77
N ASP B 257 1.77 39.76 8.91
CA ASP B 257 2.63 39.47 10.06
C ASP B 257 4.04 39.24 9.53
N ILE B 258 4.98 40.05 10.01
CA ILE B 258 6.39 39.87 9.66
C ILE B 258 7.03 38.96 10.69
N ILE B 259 7.65 37.88 10.23
CA ILE B 259 8.34 36.94 11.09
C ILE B 259 9.83 37.22 10.98
N GLY B 260 10.46 37.50 12.11
CA GLY B 260 11.89 37.72 12.14
C GLY B 260 12.28 39.05 12.78
N GLY B 261 13.55 39.18 13.13
CA GLY B 261 14.07 40.40 13.73
C GLY B 261 14.30 41.48 12.69
N PHE B 262 14.88 42.59 13.17
CA PHE B 262 15.07 43.76 12.32
C PHE B 262 16.25 43.61 11.37
N ALA B 263 17.14 42.65 11.62
CA ALA B 263 18.17 42.34 10.64
C ALA B 263 17.60 41.60 9.44
N SER B 264 16.55 40.81 9.65
CA SER B 264 15.85 40.14 8.56
C SER B 264 14.96 41.10 7.78
N VAL B 265 14.08 41.82 8.47
CA VAL B 265 13.19 42.80 7.87
C VAL B 265 13.33 44.11 8.64
N SER B 266 13.80 45.16 7.97
CA SER B 266 14.04 46.44 8.60
C SER B 266 12.73 47.10 9.04
N GLU B 267 12.86 48.10 9.93
CA GLU B 267 11.71 48.94 10.26
C GLU B 267 11.22 49.70 9.04
N LYS B 268 12.15 50.14 8.19
CA LYS B 268 11.78 50.85 6.97
C LYS B 268 10.83 50.01 6.12
N MET B 269 11.17 48.74 5.92
CA MET B 269 10.32 47.87 5.11
C MET B 269 9.00 47.60 5.82
N GLU B 270 9.02 47.50 7.15
CA GLU B 270 7.79 47.31 7.91
C GLU B 270 6.84 48.48 7.67
N GLU B 271 7.35 49.71 7.69
CA GLU B 271 6.48 50.87 7.48
C GLU B 271 6.05 50.95 6.02
N ALA B 272 6.92 50.55 5.09
CA ALA B 272 6.53 50.49 3.69
C ALA B 272 5.32 49.59 3.48
N ILE B 273 5.38 48.37 4.02
CA ILE B 273 4.25 47.45 3.90
C ILE B 273 3.03 48.02 4.61
N SER B 274 3.25 48.64 5.77
CA SER B 274 2.14 49.26 6.50
C SER B 274 1.43 50.29 5.65
N ASP B 275 2.19 51.16 4.98
CA ASP B 275 1.59 52.24 4.19
C ASP B 275 0.82 51.69 2.99
N ALA B 276 1.41 50.74 2.26
CA ALA B 276 0.73 50.18 1.10
C ALA B 276 -0.56 49.47 1.51
N THR B 277 -0.52 48.74 2.63
CA THR B 277 -1.71 48.05 3.10
C THR B 277 -2.74 49.02 3.65
N GLY B 278 -2.29 50.05 4.36
CA GLY B 278 -3.20 50.88 5.13
C GLY B 278 -3.58 50.27 6.45
N LYS B 279 -2.80 49.29 6.93
CA LYS B 279 -3.09 48.62 8.19
C LYS B 279 -1.81 48.50 9.01
N GLY B 280 -2.00 48.14 10.28
CA GLY B 280 -0.86 47.87 11.14
C GLY B 280 -0.32 46.48 10.89
N VAL B 281 1.01 46.38 10.85
CA VAL B 281 1.69 45.11 10.63
C VAL B 281 2.12 44.56 11.98
N THR B 282 1.87 43.27 12.19
CA THR B 282 2.34 42.58 13.38
C THR B 282 3.75 42.05 13.13
N ARG B 283 4.53 41.92 14.19
CA ARG B 283 5.88 41.37 14.10
C ARG B 283 6.07 40.33 15.19
N VAL B 284 6.43 39.12 14.79
CA VAL B 284 6.90 38.09 15.70
C VAL B 284 8.41 37.97 15.49
N LYS B 285 9.18 38.46 16.45
CA LYS B 285 10.62 38.59 16.30
C LYS B 285 11.37 37.80 17.36
N GLY B 286 12.68 37.71 17.16
CA GLY B 286 13.60 37.11 18.11
C GLY B 286 14.99 37.53 17.73
N ASP B 287 15.94 37.16 18.58
CA ASP B 287 17.33 37.51 18.32
C ASP B 287 18.07 36.47 17.49
N ASP B 288 17.57 35.24 17.44
CA ASP B 288 18.23 34.15 16.72
C ASP B 288 17.16 33.30 16.03
N ARG B 289 17.61 32.26 15.32
CA ARG B 289 16.70 31.28 14.75
C ARG B 289 15.77 30.69 15.81
N GLN B 290 16.35 30.21 16.91
CA GLN B 290 15.57 29.49 17.91
C GLN B 290 14.68 30.43 18.71
N ASP B 291 15.09 31.70 18.85
CA ASP B 291 14.28 32.66 19.59
C ASP B 291 13.05 33.04 18.77
N THR B 292 13.22 33.25 17.46
CA THR B 292 12.07 33.47 16.59
C THR B 292 11.21 32.22 16.50
N ASN B 293 11.84 31.04 16.48
CA ASN B 293 11.11 29.78 16.46
C ASN B 293 10.22 29.65 17.69
N SER B 294 10.77 29.93 18.88
CA SER B 294 9.99 29.88 20.10
C SER B 294 8.84 30.87 20.08
N GLU B 295 9.10 32.10 19.61
CA GLU B 295 8.07 33.14 19.58
C GLU B 295 6.91 32.75 18.68
N VAL B 296 7.21 32.16 17.52
CA VAL B 296 6.18 31.68 16.61
C VAL B 296 5.30 30.65 17.32
N ILE B 297 5.93 29.70 18.02
CA ILE B 297 5.19 28.65 18.72
C ILE B 297 4.30 29.26 19.79
N LYS B 298 4.87 30.09 20.67
CA LYS B 298 4.11 30.73 21.75
C LYS B 298 2.94 31.54 21.20
N THR B 299 3.16 32.26 20.11
CA THR B 299 2.14 33.14 19.55
C THR B 299 1.00 32.34 18.91
N TYR B 300 1.33 31.49 17.95
CA TYR B 300 0.31 30.92 17.08
C TYR B 300 -0.25 29.60 17.59
N TYR B 301 0.42 28.96 18.54
CA TYR B 301 -0.04 27.68 19.08
C TYR B 301 -0.45 27.79 20.55
N ALA B 302 -0.82 28.99 21.01
CA ALA B 302 -1.25 29.19 22.38
C ALA B 302 -2.62 28.58 22.60
N ASN B 303 -3.00 28.48 23.89
CA ASN B 303 -4.23 27.78 24.25
C ASN B 303 -5.46 28.47 23.68
N ASP B 304 -5.48 29.79 23.72
CA ASP B 304 -6.65 30.54 23.25
C ASP B 304 -6.77 30.59 21.73
N THR B 305 -5.76 30.15 21.00
CA THR B 305 -5.83 30.17 19.54
C THR B 305 -6.77 29.08 19.04
N GLU B 306 -7.18 29.22 17.77
CA GLU B 306 -8.08 28.24 17.17
C GLU B 306 -7.37 26.93 16.87
N ILE B 307 -6.06 26.98 16.59
CA ILE B 307 -5.31 25.75 16.34
C ILE B 307 -5.35 24.84 17.55
N ALA B 308 -5.24 25.42 18.76
CA ALA B 308 -5.27 24.62 19.96
C ALA B 308 -6.65 24.01 20.20
N LYS B 309 -7.71 24.79 19.97
CA LYS B 309 -9.06 24.27 20.14
C LYS B 309 -9.34 23.13 19.17
N ALA B 310 -8.87 23.25 17.92
CA ALA B 310 -9.07 22.20 16.95
C ALA B 310 -8.19 20.99 17.25
N ALA B 311 -6.98 21.23 17.76
CA ALA B 311 -6.04 20.13 18.00
C ALA B 311 -6.53 19.20 19.10
N VAL B 312 -7.24 19.73 20.09
CA VAL B 312 -7.77 18.85 21.12
C VAL B 312 -9.02 18.12 20.63
N LEU B 313 -9.83 18.76 19.78
CA LEU B 313 -10.99 18.09 19.20
C LEU B 313 -10.58 16.91 18.34
N ASP B 314 -9.33 16.86 17.88
CA ASP B 314 -8.83 15.70 17.15
C ASP B 314 -8.43 14.57 18.08
N LYS B 315 -8.12 14.87 19.33
CA LYS B 315 -7.83 13.84 20.31
C LYS B 315 -9.11 13.32 20.96
N ASP B 316 -10.07 14.20 21.18
CA ASP B 316 -11.35 13.84 21.79
C ASP B 316 -12.39 14.84 21.31
N SER B 317 -13.38 14.36 20.55
CA SER B 317 -14.37 15.26 19.96
C SER B 317 -15.24 15.94 20.99
N GLY B 318 -15.40 15.35 22.18
CA GLY B 318 -16.19 15.97 23.23
C GLY B 318 -15.37 16.80 24.20
N ALA B 319 -14.37 17.52 23.70
CA ALA B 319 -13.46 18.22 24.58
C ALA B 319 -13.79 19.70 24.58
N SER B 320 -13.62 20.32 25.74
CA SER B 320 -13.96 21.72 25.84
C SER B 320 -12.83 22.61 25.34
N SER B 321 -13.16 23.88 25.13
CA SER B 321 -12.15 24.88 24.77
C SER B 321 -11.16 25.10 25.90
N SER B 322 -11.49 24.67 27.12
CA SER B 322 -10.56 24.72 28.22
C SER B 322 -9.55 23.58 28.19
N ASP B 323 -9.77 22.58 27.33
CA ASP B 323 -8.83 21.49 27.11
C ASP B 323 -7.84 21.78 25.99
N ALA B 324 -7.87 22.98 25.43
CA ALA B 324 -7.09 23.28 24.24
C ALA B 324 -5.59 23.12 24.50
N GLY B 325 -4.87 22.65 23.50
CA GLY B 325 -3.44 22.45 23.62
C GLY B 325 -2.90 21.82 22.35
N VAL B 326 -1.57 21.77 22.27
CA VAL B 326 -0.86 21.21 21.15
C VAL B 326 -0.40 19.81 21.51
N PHE B 327 -0.64 18.84 20.63
CA PHE B 327 -0.36 17.44 20.91
C PHE B 327 0.61 16.79 19.94
N ASN B 328 0.74 17.29 18.71
CA ASN B 328 1.69 16.78 17.74
C ASN B 328 2.84 17.77 17.60
N PHE B 329 4.05 17.23 17.40
CA PHE B 329 5.25 18.07 17.31
C PHE B 329 6.19 17.51 16.26
N TYR B 330 6.88 18.41 15.57
CA TYR B 330 7.94 18.07 14.63
C TYR B 330 9.24 18.74 15.06
N VAL B 331 10.36 18.09 14.75
CA VAL B 331 11.68 18.66 15.05
C VAL B 331 12.62 18.43 13.87
N ALA B 332 13.29 19.50 13.44
CA ALA B 332 14.24 19.45 12.34
C ALA B 332 15.46 20.28 12.73
N LYS B 333 16.47 20.26 11.87
CA LYS B 333 17.69 21.02 12.12
C LYS B 333 17.44 22.51 11.92
N ASP B 334 18.34 23.32 12.50
CA ASP B 334 18.21 24.77 12.42
C ASP B 334 19.14 25.39 11.38
N GLY B 335 20.14 24.65 10.91
CA GLY B 335 21.00 25.16 9.85
C GLY B 335 22.02 26.17 10.30
N SER B 336 22.39 26.16 11.58
CA SER B 336 23.43 27.06 12.06
C SER B 336 24.76 26.75 11.40
N THR B 337 25.16 25.48 11.39
CA THR B 337 26.39 25.09 10.72
C THR B 337 26.28 25.23 9.20
N LYS B 338 25.20 24.70 8.61
CA LYS B 338 25.01 24.74 7.17
C LYS B 338 23.56 25.11 6.87
N GLU B 339 23.36 26.23 6.17
CA GLU B 339 22.03 26.79 5.98
C GLU B 339 21.13 25.89 5.14
N ASP B 340 21.70 25.12 4.20
CA ASP B 340 20.88 24.25 3.37
C ASP B 340 20.28 23.09 4.16
N GLN B 341 20.73 22.84 5.39
CA GLN B 341 20.10 21.84 6.23
C GLN B 341 18.69 22.22 6.64
N LEU B 342 18.23 23.43 6.30
CA LEU B 342 16.84 23.79 6.57
C LEU B 342 15.87 23.12 5.61
N VAL B 343 16.37 22.53 4.52
CA VAL B 343 15.49 21.96 3.50
C VAL B 343 14.69 20.78 4.03
N ASP B 344 15.12 20.19 5.16
CA ASP B 344 14.37 19.09 5.75
C ASP B 344 13.06 19.55 6.39
N ALA B 345 12.96 20.83 6.74
CA ALA B 345 11.74 21.35 7.32
C ALA B 345 10.78 21.85 6.26
N LEU B 346 11.27 22.11 5.05
CA LEU B 346 10.40 22.57 3.96
C LEU B 346 9.39 21.51 3.60
N ALA B 347 9.83 20.25 3.51
CA ALA B 347 8.94 19.17 3.10
C ALA B 347 7.85 18.88 4.13
N VAL B 348 8.12 19.14 5.40
CA VAL B 348 7.16 18.76 6.44
C VAL B 348 6.09 19.83 6.66
N GLY B 349 6.38 21.10 6.34
CA GLY B 349 5.49 22.22 6.56
C GLY B 349 4.01 22.00 6.31
N ALA B 350 3.66 21.58 5.10
CA ALA B 350 2.27 21.30 4.78
C ALA B 350 1.69 20.23 5.69
N VAL B 351 2.48 19.21 6.03
CA VAL B 351 2.00 18.15 6.91
C VAL B 351 1.73 18.70 8.31
N ALA B 352 2.63 19.53 8.82
CA ALA B 352 2.40 20.16 10.12
C ALA B 352 1.14 21.01 10.13
N GLY B 353 0.79 21.61 8.98
CA GLY B 353 -0.46 22.35 8.90
C GLY B 353 -1.67 21.45 9.07
N TYR B 354 -1.63 20.27 8.45
CA TYR B 354 -2.72 19.31 8.61
C TYR B 354 -2.78 18.78 10.02
N LYS B 355 -1.64 18.34 10.56
CA LYS B 355 -1.58 17.72 11.87
C LYS B 355 -1.65 18.72 13.01
N LEU B 356 -1.69 20.02 12.72
CA LEU B 356 -1.74 21.07 13.74
C LEU B 356 -0.54 20.98 14.68
N ALA B 357 0.66 20.98 14.10
CA ALA B 357 1.88 20.76 14.86
C ALA B 357 2.90 21.84 14.54
N PRO B 358 3.58 22.39 15.55
CA PRO B 358 4.71 23.27 15.29
C PRO B 358 5.94 22.46 14.88
N VAL B 359 6.91 23.17 14.30
CA VAL B 359 8.19 22.58 13.93
C VAL B 359 9.27 23.25 14.77
N VAL B 360 9.97 22.47 15.57
CA VAL B 360 11.05 22.98 16.41
C VAL B 360 12.36 22.83 15.65
N LEU B 361 13.08 23.94 15.50
CA LEU B 361 14.34 23.97 14.77
C LEU B 361 15.48 23.90 15.77
N ALA B 362 16.19 22.78 15.79
CA ALA B 362 17.33 22.62 16.68
C ALA B 362 18.16 21.43 16.20
N THR B 363 19.47 21.64 16.05
CA THR B 363 20.38 20.55 15.72
C THR B 363 21.14 20.05 16.95
N ASP B 364 21.96 20.91 17.56
CA ASP B 364 22.85 20.49 18.63
C ASP B 364 22.32 20.77 20.03
N SER B 365 21.41 21.72 20.16
CA SER B 365 20.92 22.11 21.48
C SER B 365 19.54 22.74 21.35
N LEU B 366 18.74 22.58 22.39
CA LEU B 366 17.43 23.22 22.48
C LEU B 366 17.55 24.45 23.39
N SER B 367 17.23 25.62 22.85
CA SER B 367 17.34 26.86 23.60
C SER B 367 16.35 26.88 24.76
N SER B 368 16.57 27.80 25.70
CA SER B 368 15.68 27.91 26.85
C SER B 368 14.34 28.50 26.46
N ASP B 369 14.31 29.38 25.47
CA ASP B 369 13.04 29.91 24.98
C ASP B 369 12.20 28.81 24.37
N GLN B 370 12.83 27.91 23.59
CA GLN B 370 12.10 26.80 23.00
C GLN B 370 11.52 25.89 24.06
N SER B 371 12.29 25.61 25.11
CA SER B 371 11.81 24.73 26.17
C SER B 371 10.59 25.32 26.85
N VAL B 372 10.65 26.60 27.20
CA VAL B 372 9.51 27.27 27.84
C VAL B 372 8.33 27.36 26.88
N ALA B 373 8.60 27.62 25.61
CA ALA B 373 7.53 27.72 24.62
C ALA B 373 6.75 26.42 24.50
N ILE B 374 7.47 25.30 24.41
CA ILE B 374 6.81 24.00 24.29
C ILE B 374 5.99 23.71 25.55
N SER B 375 6.56 24.00 26.73
CA SER B 375 5.83 23.75 27.97
C SER B 375 4.56 24.60 28.07
N LYS B 376 4.56 25.76 27.41
CA LYS B 376 3.41 26.66 27.48
C LYS B 376 2.31 26.31 26.49
N VAL B 377 2.63 25.57 25.44
CA VAL B 377 1.66 25.23 24.41
C VAL B 377 1.25 23.76 24.43
N VAL B 378 2.04 22.88 25.04
CA VAL B 378 1.75 21.46 25.02
C VAL B 378 0.41 21.15 25.72
N GLY B 379 -0.28 20.13 25.21
CA GLY B 379 -1.55 19.72 25.80
C GLY B 379 -1.35 19.02 27.13
N GLU B 380 -2.47 18.71 27.79
CA GLU B 380 -2.43 18.25 29.17
C GLU B 380 -2.98 16.85 29.37
N LYS B 381 -4.16 16.53 28.84
CA LYS B 381 -4.79 15.27 29.17
C LYS B 381 -4.34 14.12 28.27
N TYR B 382 -4.40 14.34 26.95
CA TYR B 382 -4.26 13.26 25.98
C TYR B 382 -2.78 13.06 25.61
N SER B 383 -2.54 12.00 24.84
CA SER B 383 -1.18 11.59 24.49
C SER B 383 -0.54 12.59 23.53
N LYS B 384 0.79 12.53 23.46
CA LYS B 384 1.56 13.41 22.59
C LYS B 384 2.32 12.61 21.54
N ASP B 385 2.76 13.31 20.49
CA ASP B 385 3.43 12.73 19.34
C ASP B 385 4.59 13.61 18.92
N LEU B 386 5.71 12.98 18.55
CA LEU B 386 6.89 13.69 18.10
C LEU B 386 7.49 12.97 16.90
N THR B 387 7.62 13.70 15.79
CA THR B 387 8.24 13.16 14.59
C THR B 387 9.53 13.93 14.32
N GLN B 388 10.64 13.19 14.24
CA GLN B 388 11.93 13.76 13.89
C GLN B 388 12.11 13.66 12.38
N VAL B 389 12.57 14.76 11.77
CA VAL B 389 12.70 14.86 10.32
C VAL B 389 14.17 15.09 10.00
N GLY B 390 14.80 14.12 9.34
CA GLY B 390 16.18 14.22 8.95
C GLY B 390 17.11 13.56 9.95
N GLN B 391 18.34 13.32 9.49
CA GLN B 391 19.39 12.78 10.34
C GLN B 391 20.25 13.91 10.88
N GLY B 392 20.80 13.69 12.07
CA GLY B 392 21.81 14.59 12.61
C GLY B 392 21.38 15.43 13.79
N ILE B 393 20.18 15.24 14.32
CA ILE B 393 19.75 15.98 15.50
C ILE B 393 20.23 15.25 16.74
N ALA B 394 20.78 16.00 17.68
CA ALA B 394 21.42 15.43 18.85
C ALA B 394 20.40 14.78 19.77
N ASN B 395 20.84 13.69 20.44
CA ASN B 395 19.97 13.01 21.39
C ASN B 395 19.62 13.92 22.56
N SER B 396 20.52 14.82 22.93
CA SER B 396 20.20 15.88 23.89
C SER B 396 18.87 16.53 23.56
N VAL B 397 18.71 16.95 22.30
CA VAL B 397 17.52 17.67 21.87
C VAL B 397 16.28 16.78 21.98
N ILE B 398 16.36 15.56 21.43
CA ILE B 398 15.20 14.68 21.41
C ILE B 398 14.72 14.36 22.82
N ASN B 399 15.66 14.05 23.72
CA ASN B 399 15.27 13.72 25.09
C ASN B 399 14.68 14.93 25.80
N LYS B 400 15.23 16.12 25.54
CA LYS B 400 14.66 17.35 26.11
C LYS B 400 13.23 17.56 25.65
N ILE B 401 12.98 17.43 24.35
CA ILE B 401 11.62 17.60 23.83
C ILE B 401 10.70 16.53 24.39
N LYS B 402 11.20 15.30 24.51
CA LYS B 402 10.39 14.23 25.07
C LYS B 402 9.99 14.51 26.51
N ASP B 403 10.93 15.03 27.31
CA ASP B 403 10.61 15.43 28.69
C ASP B 403 9.52 16.48 28.71
N LEU B 404 9.67 17.53 27.90
CA LEU B 404 8.67 18.58 27.82
C LEU B 404 7.31 18.06 27.37
N LEU B 405 7.30 17.03 26.53
CA LEU B 405 6.07 16.45 25.99
C LEU B 405 5.49 15.35 26.85
N ASP B 406 6.04 15.07 28.04
CA ASP B 406 5.56 13.98 28.88
C ASP B 406 5.64 12.66 28.11
N MET B 407 6.87 12.29 27.78
CA MET B 407 7.15 11.21 26.83
C MET B 407 8.44 10.47 27.19
N ALA C 1 -14.08 27.28 -45.85
CA ALA C 1 -15.13 28.13 -46.39
C ALA C 1 -16.43 27.93 -45.63
N ALA C 2 -17.44 28.75 -45.95
CA ALA C 2 -18.75 28.57 -45.37
C ALA C 2 -19.39 27.25 -45.79
N SER C 3 -19.06 26.77 -46.99
CA SER C 3 -19.50 25.44 -47.42
C SER C 3 -19.18 24.38 -46.37
N ASP C 4 -17.99 24.43 -45.78
CA ASP C 4 -17.57 23.40 -44.84
C ASP C 4 -18.48 23.34 -43.63
N VAL C 5 -18.91 24.50 -43.13
CA VAL C 5 -19.80 24.51 -41.98
C VAL C 5 -21.22 24.13 -42.35
N ILE C 6 -21.68 24.50 -43.55
CA ILE C 6 -23.04 24.15 -43.97
C ILE C 6 -23.15 22.66 -44.24
N SER C 7 -22.08 22.05 -44.79
CA SER C 7 -22.09 20.61 -45.04
C SER C 7 -22.33 19.80 -43.77
N LEU C 8 -21.96 20.34 -42.61
CA LEU C 8 -22.07 19.59 -41.36
C LEU C 8 -23.48 19.09 -41.10
N GLN C 9 -24.50 19.80 -41.59
CA GLN C 9 -25.89 19.41 -41.39
C GLN C 9 -26.47 18.67 -42.58
N ASP C 10 -25.65 18.37 -43.59
CA ASP C 10 -26.07 17.50 -44.70
C ASP C 10 -26.17 16.06 -44.20
N GLY C 11 -27.32 15.69 -43.66
CA GLY C 11 -27.53 14.35 -43.15
C GLY C 11 -27.84 14.36 -41.66
N THR C 12 -27.90 13.16 -41.09
CA THR C 12 -28.31 13.00 -39.70
C THR C 12 -27.17 13.18 -38.70
N ASN C 13 -25.91 13.15 -39.15
CA ASN C 13 -24.79 13.35 -38.23
C ASN C 13 -24.76 14.81 -37.75
N ASP C 14 -24.51 15.00 -36.45
CA ASP C 14 -24.48 16.34 -35.88
C ASP C 14 -23.43 16.45 -34.76
N LYS C 15 -22.38 15.65 -34.80
CA LYS C 15 -21.32 15.69 -33.80
C LYS C 15 -19.97 15.68 -34.50
N TYR C 16 -19.14 16.69 -34.23
CA TYR C 16 -17.84 16.82 -34.87
C TYR C 16 -16.81 17.28 -33.86
N THR C 17 -15.53 17.14 -34.25
CA THR C 17 -14.40 17.61 -33.44
C THR C 17 -13.41 18.36 -34.32
N VAL C 18 -13.01 19.55 -33.86
CA VAL C 18 -12.00 20.37 -34.55
C VAL C 18 -10.82 20.60 -33.62
N SER C 19 -9.62 20.58 -34.18
CA SER C 19 -8.41 20.89 -33.43
C SER C 19 -8.33 22.39 -33.15
N ASN C 20 -7.90 22.73 -31.92
CA ASN C 20 -7.78 24.13 -31.56
C ASN C 20 -6.70 24.85 -32.37
N THR C 21 -5.77 24.11 -32.96
CA THR C 21 -4.78 24.70 -33.87
C THR C 21 -5.39 25.21 -35.16
N LYS C 22 -6.69 25.01 -35.38
CA LYS C 22 -7.40 25.53 -36.54
C LYS C 22 -8.50 26.51 -36.11
N ALA C 23 -8.29 27.19 -34.98
CA ALA C 23 -9.32 28.05 -34.41
C ALA C 23 -9.62 29.24 -35.31
N SER C 24 -8.59 29.74 -36.00
CA SER C 24 -8.80 30.89 -36.89
C SER C 24 -9.78 30.56 -38.01
N ASP C 25 -9.53 29.48 -38.75
CA ASP C 25 -10.38 29.11 -39.88
C ASP C 25 -11.79 28.75 -39.41
N LEU C 26 -11.89 27.97 -38.33
CA LEU C 26 -13.17 27.58 -37.76
C LEU C 26 -14.12 28.77 -37.57
N VAL C 27 -13.68 29.75 -36.76
CA VAL C 27 -14.53 30.91 -36.48
C VAL C 27 -14.89 31.63 -37.77
N LYS C 28 -13.90 31.81 -38.66
CA LYS C 28 -14.14 32.40 -39.97
C LYS C 28 -15.26 31.67 -40.71
N ASP C 29 -15.09 30.36 -40.92
CA ASP C 29 -16.09 29.59 -41.65
C ASP C 29 -17.47 29.69 -41.01
N ILE C 30 -17.53 29.68 -39.68
CA ILE C 30 -18.81 29.76 -38.98
C ILE C 30 -19.46 31.11 -39.23
N LEU C 31 -18.70 32.18 -39.00
CA LEU C 31 -19.22 33.53 -39.26
C LEU C 31 -19.57 33.68 -40.74
N ALA C 32 -18.73 33.11 -41.63
CA ALA C 32 -19.01 33.13 -43.06
C ALA C 32 -20.37 32.52 -43.40
N ALA C 33 -20.73 31.42 -42.74
CA ALA C 33 -22.05 30.83 -42.97
C ALA C 33 -23.15 31.66 -42.32
N GLN C 34 -22.83 32.39 -41.26
CA GLN C 34 -23.86 33.16 -40.57
C GLN C 34 -24.31 34.34 -41.43
N ASN C 35 -23.42 34.82 -42.30
CA ASN C 35 -23.71 35.86 -43.30
C ASN C 35 -23.75 35.18 -44.66
N LEU C 36 -24.95 34.87 -45.16
CA LEU C 36 -25.05 34.20 -46.46
C LEU C 36 -25.80 35.03 -47.50
N LEU C 43 -27.14 29.53 -41.54
CA LEU C 43 -26.62 29.59 -40.16
C LEU C 43 -27.24 30.74 -39.37
N ASN C 44 -27.84 30.41 -38.22
CA ASN C 44 -28.37 31.43 -37.34
C ASN C 44 -27.25 32.23 -36.71
N LYS C 45 -27.58 33.42 -36.23
CA LYS C 45 -26.63 34.28 -35.56
C LYS C 45 -26.67 34.11 -34.04
N ASP C 46 -26.87 32.87 -33.58
CA ASP C 46 -26.94 32.57 -32.15
C ASP C 46 -25.90 31.51 -31.77
N THR C 47 -24.76 31.53 -32.44
CA THR C 47 -23.71 30.55 -32.23
C THR C 47 -23.02 30.79 -30.89
N LYS C 48 -23.02 29.77 -30.04
CA LYS C 48 -22.49 29.84 -28.68
C LYS C 48 -21.17 29.10 -28.58
N VAL C 49 -20.17 29.75 -28.01
CA VAL C 49 -18.88 29.11 -27.73
C VAL C 49 -18.72 29.12 -26.21
N THR C 50 -18.93 27.97 -25.58
CA THR C 50 -18.72 27.83 -24.15
C THR C 50 -17.44 27.06 -23.86
N PHE C 51 -16.73 27.47 -22.82
CA PHE C 51 -15.41 26.90 -22.53
C PHE C 51 -15.48 26.09 -21.24
N TYR C 52 -14.82 24.93 -21.24
CA TYR C 52 -14.85 24.04 -20.09
C TYR C 52 -13.49 23.41 -19.84
N ASP C 53 -13.30 22.94 -18.60
CA ASP C 53 -12.16 22.11 -18.22
C ASP C 53 -12.70 20.77 -17.72
N ALA C 54 -12.30 19.68 -18.39
CA ALA C 54 -12.83 18.36 -18.08
C ALA C 54 -12.29 17.82 -16.77
N ASN C 55 -11.09 18.24 -16.37
CA ASN C 55 -10.46 17.72 -15.17
C ASN C 55 -11.00 18.35 -13.89
N GLU C 56 -11.92 19.30 -13.99
CA GLU C 56 -12.62 19.84 -12.83
C GLU C 56 -14.11 19.86 -13.12
N LYS C 57 -14.91 19.48 -12.14
CA LYS C 57 -16.32 19.19 -12.35
C LYS C 57 -17.21 20.28 -11.76
N ASP C 58 -18.42 20.39 -12.32
CA ASP C 58 -19.44 21.31 -11.83
C ASP C 58 -20.79 20.75 -12.25
N SER C 59 -21.65 20.43 -11.27
CA SER C 59 -22.92 19.80 -11.58
C SER C 59 -23.93 20.75 -12.22
N SER C 60 -23.72 22.07 -12.10
CA SER C 60 -24.66 23.03 -12.66
C SER C 60 -24.46 23.26 -14.16
N THR C 61 -23.30 22.94 -14.72
CA THR C 61 -23.01 23.23 -16.11
C THR C 61 -23.59 22.16 -17.04
N PRO C 62 -23.93 22.54 -18.28
CA PRO C 62 -24.53 21.56 -19.21
C PRO C 62 -23.69 20.31 -19.42
N THR C 63 -22.37 20.45 -19.50
CA THR C 63 -21.50 19.30 -19.70
C THR C 63 -21.10 18.61 -18.41
N GLY C 64 -21.36 19.23 -17.25
CA GLY C 64 -20.95 18.68 -15.99
C GLY C 64 -19.54 19.04 -15.57
N ASP C 65 -18.86 19.88 -16.34
CA ASP C 65 -17.49 20.29 -16.05
C ASP C 65 -17.46 21.79 -15.78
N LYS C 66 -16.50 22.20 -14.94
CA LYS C 66 -16.37 23.61 -14.57
C LYS C 66 -16.05 24.46 -15.80
N LYS C 67 -16.80 25.54 -15.98
CA LYS C 67 -16.54 26.48 -17.06
C LYS C 67 -15.27 27.27 -16.79
N VAL C 68 -14.59 27.65 -17.87
CA VAL C 68 -13.41 28.51 -17.80
C VAL C 68 -13.54 29.59 -18.85
N TYR C 69 -12.68 30.60 -18.73
CA TYR C 69 -12.65 31.77 -19.62
C TYR C 69 -14.05 32.39 -19.65
N SER C 70 -14.42 33.01 -20.78
CA SER C 70 -15.68 33.74 -20.91
C SER C 70 -16.51 33.11 -22.02
N GLU C 71 -17.79 32.88 -21.72
CA GLU C 71 -18.71 32.27 -22.67
C GLU C 71 -19.21 33.31 -23.66
N GLN C 72 -19.04 33.04 -24.95
CA GLN C 72 -19.28 34.03 -26.00
C GLN C 72 -20.39 33.57 -26.95
N THR C 73 -21.14 34.55 -27.46
CA THR C 73 -22.05 34.36 -28.60
C THR C 73 -21.34 34.93 -29.82
N LEU C 74 -20.81 34.04 -30.66
CA LEU C 74 -19.96 34.44 -31.79
C LEU C 74 -20.82 35.01 -32.92
N THR C 75 -20.71 36.31 -33.14
CA THR C 75 -21.27 36.97 -34.33
C THR C 75 -20.29 38.03 -34.80
N THR C 76 -20.42 38.43 -36.07
CA THR C 76 -19.66 39.57 -36.57
C THR C 76 -20.12 40.88 -35.93
N ALA C 77 -21.40 40.94 -35.54
CA ALA C 77 -21.91 42.12 -34.85
C ALA C 77 -21.28 42.29 -33.47
N ASN C 78 -21.14 41.20 -32.72
CA ASN C 78 -20.62 41.27 -31.36
C ASN C 78 -19.12 41.48 -31.32
N GLY C 79 -18.42 41.38 -32.45
CA GLY C 79 -17.01 41.71 -32.51
C GLY C 79 -16.11 40.86 -31.66
N ASN C 80 -16.54 39.64 -31.31
CA ASN C 80 -15.78 38.75 -30.46
C ASN C 80 -15.02 37.69 -31.25
N GLU C 81 -14.72 37.97 -32.52
CA GLU C 81 -14.02 37.02 -33.37
C GLU C 81 -12.60 36.77 -32.88
N ASP C 82 -11.99 37.77 -32.24
CA ASP C 82 -10.60 37.62 -31.80
C ASP C 82 -10.47 37.01 -30.42
N TYR C 83 -11.39 37.33 -29.50
CA TYR C 83 -11.35 36.69 -28.19
C TYR C 83 -11.49 35.18 -28.32
N VAL C 84 -12.50 34.73 -29.06
CA VAL C 84 -12.74 33.30 -29.22
C VAL C 84 -11.58 32.65 -29.95
N LYS C 85 -11.05 33.32 -30.98
CA LYS C 85 -9.95 32.76 -31.75
C LYS C 85 -8.71 32.53 -30.89
N THR C 86 -8.32 33.53 -30.09
CA THR C 86 -7.11 33.38 -29.28
C THR C 86 -7.35 32.51 -28.04
N THR C 87 -8.56 32.56 -27.46
CA THR C 87 -8.86 31.68 -26.32
C THR C 87 -8.81 30.21 -26.74
N LEU C 88 -9.48 29.87 -27.84
CA LEU C 88 -9.42 28.52 -28.38
C LEU C 88 -7.97 28.11 -28.67
N LYS C 89 -7.21 28.98 -29.35
CA LYS C 89 -5.85 28.65 -29.72
C LYS C 89 -4.98 28.43 -28.47
N ASN C 90 -5.24 29.16 -27.40
CA ASN C 90 -4.48 29.04 -26.15
C ASN C 90 -5.23 28.21 -25.11
N LEU C 91 -5.87 27.13 -25.51
CA LEU C 91 -6.46 26.19 -24.56
C LEU C 91 -5.38 25.32 -23.94
N ASP C 92 -5.50 25.08 -22.64
CA ASP C 92 -4.59 24.21 -21.91
C ASP C 92 -5.08 22.77 -21.95
N ALA C 93 -4.16 21.85 -21.67
CA ALA C 93 -4.48 20.42 -21.64
C ALA C 93 -5.68 20.17 -20.75
N GLY C 94 -6.69 19.48 -21.31
CA GLY C 94 -7.90 19.18 -20.59
C GLY C 94 -9.01 20.19 -20.77
N GLU C 95 -8.68 21.38 -21.29
CA GLU C 95 -9.68 22.39 -21.59
C GLU C 95 -10.20 22.20 -23.00
N TYR C 96 -11.49 22.45 -23.20
CA TYR C 96 -12.12 22.30 -24.50
C TYR C 96 -13.26 23.30 -24.62
N ALA C 97 -13.92 23.29 -25.78
CA ALA C 97 -15.04 24.18 -26.03
C ALA C 97 -16.12 23.44 -26.80
N ILE C 98 -17.37 23.77 -26.50
CA ILE C 98 -18.52 23.28 -27.23
C ILE C 98 -19.11 24.44 -28.03
N ILE C 99 -19.14 24.29 -29.35
CA ILE C 99 -19.72 25.29 -30.23
C ILE C 99 -21.09 24.80 -30.66
N ASP C 100 -22.12 25.58 -30.34
CA ASP C 100 -23.51 25.24 -30.63
C ASP C 100 -23.91 25.94 -31.93
N LEU C 101 -24.30 25.15 -32.93
CA LEU C 101 -24.70 25.67 -34.23
C LEU C 101 -26.19 25.46 -34.43
N THR C 102 -26.89 26.50 -34.85
CA THR C 102 -28.27 26.41 -35.29
C THR C 102 -28.37 26.93 -36.72
N TYR C 103 -29.25 26.31 -37.51
CA TYR C 103 -29.38 26.61 -38.92
C TYR C 103 -30.76 27.16 -39.25
N ASN C 104 -30.86 27.73 -40.45
CA ASN C 104 -32.15 28.14 -40.99
C ASN C 104 -33.05 26.95 -41.27
N ASN C 105 -32.47 25.75 -41.41
CA ASN C 105 -33.22 24.51 -41.52
C ASN C 105 -33.84 24.10 -40.20
N ALA C 106 -33.56 24.82 -39.12
CA ALA C 106 -33.94 24.48 -37.74
C ALA C 106 -33.19 23.27 -37.22
N LYS C 107 -32.01 22.99 -37.78
CA LYS C 107 -31.17 21.90 -37.34
C LYS C 107 -30.09 22.41 -36.40
N THR C 108 -29.58 21.50 -35.57
CA THR C 108 -28.48 21.80 -34.65
C THR C 108 -27.32 20.87 -34.92
N VAL C 109 -26.11 21.40 -34.81
CA VAL C 109 -24.88 20.61 -34.89
C VAL C 109 -23.95 21.07 -33.76
N GLU C 110 -23.20 20.12 -33.20
CA GLU C 110 -22.28 20.38 -32.11
C GLU C 110 -20.85 20.15 -32.60
N ILE C 111 -20.00 21.16 -32.44
CA ILE C 111 -18.58 21.05 -32.67
C ILE C 111 -17.86 21.11 -31.34
N LYS C 112 -16.90 20.22 -31.14
CA LYS C 112 -16.06 20.21 -29.95
C LYS C 112 -14.64 20.57 -30.35
N VAL C 113 -14.08 21.59 -29.70
CA VAL C 113 -12.71 22.00 -29.96
C VAL C 113 -11.85 21.51 -28.81
N VAL C 114 -10.90 20.64 -29.11
CA VAL C 114 -10.05 20.03 -28.09
C VAL C 114 -8.64 20.56 -28.24
N ALA C 115 -7.94 20.66 -27.12
CA ALA C 115 -6.56 21.15 -27.09
C ALA C 115 -5.61 20.05 -27.57
N ALA C 116 -5.77 19.69 -28.84
CA ALA C 116 -5.06 18.56 -29.42
C ALA C 116 -4.41 18.96 -30.73
N SER C 117 -3.21 18.44 -30.96
CA SER C 117 -2.58 18.58 -32.26
C SER C 117 -3.15 17.55 -33.24
N GLU C 118 -3.03 17.85 -34.52
CA GLU C 118 -3.41 16.93 -35.57
C GLU C 118 -2.17 16.23 -36.08
N LYS C 119 -2.22 14.90 -36.17
CA LYS C 119 -1.12 14.10 -36.67
C LYS C 119 -1.65 12.99 -37.57
N THR C 120 -0.97 12.77 -38.68
CA THR C 120 -1.38 11.77 -39.66
C THR C 120 -0.23 10.76 -39.82
N VAL C 121 -0.51 9.50 -39.52
CA VAL C 121 0.47 8.43 -39.66
C VAL C 121 0.12 7.61 -40.89
N VAL C 122 1.12 7.32 -41.71
CA VAL C 122 0.96 6.57 -42.95
C VAL C 122 1.62 5.21 -42.72
N VAL C 123 0.85 4.15 -42.93
CA VAL C 123 1.33 2.79 -42.69
C VAL C 123 1.61 2.11 -44.03
N SER C 124 2.67 1.31 -44.06
CA SER C 124 3.09 0.57 -45.24
C SER C 124 3.09 -0.92 -44.94
N SER C 125 4.04 -1.66 -45.53
CA SER C 125 4.25 -3.04 -45.13
C SER C 125 4.52 -3.13 -43.63
N ASP C 126 5.35 -2.22 -43.11
CA ASP C 126 5.65 -2.12 -41.69
C ASP C 126 4.54 -1.33 -40.99
N ALA C 127 3.38 -1.96 -40.91
CA ALA C 127 2.22 -1.35 -40.27
C ALA C 127 2.08 -1.77 -38.81
N LYS C 128 2.53 -2.98 -38.47
CA LYS C 128 2.55 -3.39 -37.07
C LYS C 128 3.60 -2.62 -36.29
N ASN C 129 4.72 -2.27 -36.93
CA ASN C 129 5.72 -1.44 -36.28
C ASN C 129 5.24 0.01 -36.07
N SER C 130 4.35 0.50 -36.93
CA SER C 130 3.80 1.85 -36.75
C SER C 130 2.99 1.96 -35.47
N ALA C 131 2.24 0.90 -35.14
CA ALA C 131 1.35 0.95 -33.99
C ALA C 131 2.12 1.03 -32.68
N LYS C 132 3.33 0.47 -32.65
CA LYS C 132 4.13 0.46 -31.44
C LYS C 132 4.27 1.85 -30.85
N ASP C 133 4.81 2.78 -31.63
CA ASP C 133 5.03 4.15 -31.13
C ASP C 133 3.71 4.84 -30.79
N ILE C 134 2.63 4.50 -31.49
CA ILE C 134 1.34 5.12 -31.20
C ILE C 134 0.80 4.62 -29.86
N ALA C 135 0.94 3.32 -29.59
CA ALA C 135 0.38 2.76 -28.37
C ALA C 135 1.26 3.03 -27.16
N GLU C 136 2.56 3.26 -27.37
CA GLU C 136 3.45 3.61 -26.27
C GLU C 136 3.12 4.98 -25.70
N LYS C 137 2.77 5.94 -26.56
CA LYS C 137 2.56 7.31 -26.15
C LYS C 137 1.13 7.62 -25.77
N TYR C 138 0.15 6.92 -26.36
CA TYR C 138 -1.24 7.27 -26.18
C TYR C 138 -2.02 6.04 -25.75
N VAL C 139 -3.12 6.26 -25.06
CA VAL C 139 -3.99 5.19 -24.58
C VAL C 139 -5.36 5.37 -25.19
N PHE C 140 -5.95 4.28 -25.67
CA PHE C 140 -7.21 4.31 -26.39
C PHE C 140 -8.26 3.47 -25.67
N GLU C 141 -9.52 3.72 -26.04
CA GLU C 141 -10.61 2.84 -25.65
C GLU C 141 -10.76 1.75 -26.70
N ASP C 142 -10.91 0.50 -26.27
CA ASP C 142 -11.04 -0.59 -27.23
C ASP C 142 -12.28 -0.45 -28.07
N LYS C 143 -13.39 -0.03 -27.44
CA LYS C 143 -14.63 0.17 -28.18
C LYS C 143 -14.40 1.09 -29.37
N ASP C 144 -13.58 2.13 -29.20
CA ASP C 144 -13.23 3.00 -30.32
C ASP C 144 -12.41 2.25 -31.36
N LEU C 145 -11.39 1.50 -30.92
CA LEU C 145 -10.56 0.75 -31.86
C LEU C 145 -11.36 -0.34 -32.55
N GLU C 146 -12.34 -0.90 -31.86
CA GLU C 146 -13.23 -1.88 -32.47
C GLU C 146 -14.07 -1.24 -33.56
N ASN C 147 -14.73 -0.12 -33.24
CA ASN C 147 -15.53 0.58 -34.25
C ASN C 147 -14.72 0.90 -35.49
N ALA C 148 -13.48 1.38 -35.30
CA ALA C 148 -12.58 1.60 -36.42
C ALA C 148 -12.48 0.37 -37.30
N LEU C 149 -12.25 -0.80 -36.70
CA LEU C 149 -12.19 -2.03 -37.47
C LEU C 149 -13.54 -2.37 -38.09
N LYS C 150 -14.64 -2.07 -37.39
CA LYS C 150 -15.96 -2.34 -37.94
C LYS C 150 -16.23 -1.53 -39.21
N THR C 151 -15.62 -0.36 -39.33
CA THR C 151 -15.75 0.42 -40.56
C THR C 151 -14.74 -0.01 -41.61
N ILE C 152 -13.51 -0.36 -41.20
CA ILE C 152 -12.53 -0.87 -42.14
C ILE C 152 -12.98 -2.21 -42.72
N ASN C 153 -13.69 -3.02 -41.92
CA ASN C 153 -14.13 -4.35 -42.34
C ASN C 153 -15.56 -4.34 -42.87
N ALA C 154 -15.93 -3.32 -43.63
CA ALA C 154 -17.25 -3.24 -44.23
C ALA C 154 -17.11 -3.11 -45.74
N SER C 155 -18.16 -3.54 -46.44
CA SER C 155 -18.18 -3.42 -47.89
C SER C 155 -18.25 -1.95 -48.30
N ASP C 156 -18.87 -1.11 -47.47
CA ASP C 156 -19.01 0.31 -47.75
C ASP C 156 -17.68 1.04 -47.74
N PHE C 157 -16.64 0.46 -47.15
CA PHE C 157 -15.39 1.18 -46.89
C PHE C 157 -14.65 1.47 -48.19
N SER C 158 -14.40 2.77 -48.44
CA SER C 158 -13.77 3.25 -49.66
C SER C 158 -12.51 4.05 -49.31
N LYS C 159 -11.72 4.33 -50.34
CA LYS C 159 -10.56 5.20 -50.20
C LYS C 159 -10.97 6.66 -50.40
N THR C 160 -10.28 7.55 -49.69
CA THR C 160 -10.65 8.97 -49.68
C THR C 160 -9.94 9.75 -50.78
N ASP C 161 -8.67 10.09 -50.56
CA ASP C 161 -7.89 10.82 -51.55
C ASP C 161 -6.69 9.98 -51.92
N SER C 162 -6.95 8.83 -52.56
CA SER C 162 -5.98 7.79 -52.87
C SER C 162 -5.57 7.02 -51.62
N TYR C 163 -6.20 7.31 -50.48
CA TYR C 163 -5.82 6.74 -49.19
C TYR C 163 -7.05 6.21 -48.46
N TYR C 164 -6.94 4.99 -47.93
CA TYR C 164 -7.87 4.54 -46.90
C TYR C 164 -7.52 5.23 -45.59
N GLN C 165 -8.55 5.64 -44.85
CA GLN C 165 -8.30 6.50 -43.71
C GLN C 165 -9.30 6.22 -42.59
N VAL C 166 -8.80 6.27 -41.36
CA VAL C 166 -9.64 6.24 -40.17
C VAL C 166 -9.09 7.24 -39.16
N VAL C 167 -9.98 7.84 -38.38
CA VAL C 167 -9.64 8.87 -37.40
C VAL C 167 -9.84 8.31 -36.00
N LEU C 168 -8.82 8.45 -35.14
CA LEU C 168 -8.86 7.97 -33.78
C LEU C 168 -8.64 9.11 -32.80
N TYR C 169 -9.36 9.07 -31.68
CA TYR C 169 -9.20 10.03 -30.58
C TYR C 169 -8.72 9.30 -29.33
N PRO C 170 -7.44 9.37 -28.98
CA PRO C 170 -6.98 8.78 -27.72
C PRO C 170 -7.67 9.38 -26.51
N LYS C 171 -7.84 8.55 -25.48
CA LYS C 171 -8.36 9.03 -24.20
C LYS C 171 -7.36 9.93 -23.49
N GLY C 172 -6.08 9.64 -23.64
CA GLY C 172 -5.05 10.46 -23.03
C GLY C 172 -3.68 9.94 -23.37
N LYS C 173 -2.69 10.42 -22.63
CA LYS C 173 -1.32 9.98 -22.80
C LYS C 173 -1.00 8.85 -21.83
N ARG C 174 -0.16 7.92 -22.27
CA ARG C 174 0.29 6.84 -21.43
C ARG C 174 1.53 7.24 -20.64
N LEU C 175 1.61 6.72 -19.41
CA LEU C 175 2.80 6.90 -18.60
C LEU C 175 3.98 6.19 -19.25
N GLN C 176 5.08 6.92 -19.48
CA GLN C 176 6.28 6.36 -20.06
C GLN C 176 7.38 6.23 -19.01
N GLY C 177 8.40 5.44 -19.33
CA GLY C 177 9.51 5.24 -18.43
C GLY C 177 9.32 4.12 -17.44
N PHE C 178 8.25 3.35 -17.57
CA PHE C 178 7.95 2.24 -16.67
C PHE C 178 7.50 1.03 -17.48
N SER C 179 8.31 0.66 -18.46
CA SER C 179 8.04 -0.47 -19.35
C SER C 179 8.19 -1.82 -18.63
N THR D 5 -8.54 23.33 -42.01
CA THR D 5 -9.49 23.07 -40.93
C THR D 5 -10.31 21.79 -41.18
N ASN D 6 -9.86 20.69 -40.58
CA ASN D 6 -10.57 19.42 -40.71
C ASN D 6 -11.69 19.35 -39.68
N TYR D 7 -12.93 19.18 -40.16
CA TYR D 7 -14.07 18.97 -39.27
C TYR D 7 -14.25 17.46 -39.10
N ASN D 8 -13.43 16.88 -38.23
CA ASN D 8 -13.45 15.45 -38.01
C ASN D 8 -14.75 15.02 -37.35
N GLU D 9 -15.10 13.76 -37.53
CA GLU D 9 -16.43 13.24 -37.26
C GLU D 9 -16.47 12.58 -35.88
N GLY D 10 -17.49 12.90 -35.10
CA GLY D 10 -17.66 12.35 -33.77
C GLY D 10 -17.06 13.23 -32.69
N THR D 11 -17.49 12.95 -31.45
CA THR D 11 -16.99 13.66 -30.29
C THR D 11 -15.69 13.05 -29.77
N ALA D 12 -14.73 13.90 -29.44
CA ALA D 12 -13.47 13.46 -28.87
C ALA D 12 -13.52 13.59 -27.35
N TYR D 13 -12.42 13.25 -26.70
CA TYR D 13 -12.34 13.31 -25.24
C TYR D 13 -11.68 14.61 -24.78
N GLY D 14 -12.11 15.07 -23.60
CA GLY D 14 -11.55 16.30 -23.05
C GLY D 14 -10.04 16.33 -23.02
N ASN D 15 -9.40 15.20 -22.72
CA ASN D 15 -7.95 15.13 -22.64
C ASN D 15 -7.32 14.45 -23.85
N THR D 16 -8.00 14.47 -24.99
CA THR D 16 -7.43 13.95 -26.23
C THR D 16 -6.17 14.74 -26.57
N PRO D 17 -5.00 14.10 -26.54
CA PRO D 17 -3.76 14.83 -26.85
C PRO D 17 -3.59 15.08 -28.33
N VAL D 18 -3.98 14.12 -29.16
CA VAL D 18 -3.80 14.21 -30.60
C VAL D 18 -5.06 13.70 -31.30
N ILE D 19 -5.35 14.28 -32.45
CA ILE D 19 -6.36 13.77 -33.37
C ILE D 19 -5.62 12.96 -34.43
N LEU D 20 -5.56 11.65 -34.22
CA LEU D 20 -4.81 10.77 -35.10
C LEU D 20 -5.60 10.46 -36.38
N THR D 21 -4.93 10.56 -37.51
CA THR D 21 -5.45 10.07 -38.78
C THR D 21 -4.54 8.95 -39.27
N LEU D 22 -5.05 7.72 -39.26
CA LEU D 22 -4.32 6.57 -39.78
C LEU D 22 -4.66 6.43 -41.26
N LYS D 23 -3.63 6.42 -42.11
CA LYS D 23 -3.82 6.42 -43.56
C LYS D 23 -2.93 5.37 -44.21
N SER D 24 -3.43 4.83 -45.33
CA SER D 24 -2.69 3.86 -46.13
C SER D 24 -3.36 3.70 -47.48
N THR D 25 -2.56 3.34 -48.48
CA THR D 25 -3.12 2.99 -49.78
C THR D 25 -3.85 1.65 -49.72
N SER D 26 -3.32 0.68 -48.97
CA SER D 26 -3.86 -0.66 -48.92
C SER D 26 -4.73 -0.83 -47.68
N LYS D 27 -5.95 -1.31 -47.89
CA LYS D 27 -6.83 -1.63 -46.77
C LYS D 27 -6.24 -2.68 -45.84
N SER D 28 -5.37 -3.55 -46.37
CA SER D 28 -4.76 -4.59 -45.53
C SER D 28 -3.77 -4.00 -44.55
N ASN D 29 -2.87 -3.13 -45.03
CA ASN D 29 -1.91 -2.50 -44.14
C ASN D 29 -2.59 -1.63 -43.09
N LEU D 30 -3.69 -0.97 -43.46
CA LEU D 30 -4.44 -0.18 -42.49
C LEU D 30 -5.14 -1.07 -41.48
N LYS D 31 -5.69 -2.19 -41.93
CA LYS D 31 -6.31 -3.15 -41.01
C LYS D 31 -5.32 -3.65 -39.98
N THR D 32 -4.11 -4.02 -40.40
CA THR D 32 -3.12 -4.58 -39.48
C THR D 32 -2.63 -3.53 -38.48
N ALA D 33 -2.47 -2.27 -38.93
CA ALA D 33 -2.04 -1.22 -38.02
C ALA D 33 -3.04 -1.06 -36.87
N VAL D 34 -4.34 -1.03 -37.19
CA VAL D 34 -5.34 -0.82 -36.15
C VAL D 34 -5.49 -2.07 -35.30
N GLU D 35 -5.35 -3.25 -35.91
CA GLU D 35 -5.36 -4.50 -35.14
C GLU D 35 -4.20 -4.54 -34.15
N GLU D 36 -2.98 -4.31 -34.65
CA GLU D 36 -1.81 -4.27 -33.78
C GLU D 36 -1.94 -3.21 -32.70
N LEU D 37 -2.60 -2.09 -33.02
CA LEU D 37 -2.82 -1.06 -32.02
C LEU D 37 -3.77 -1.55 -30.94
N GLN D 38 -4.80 -2.31 -31.32
CA GLN D 38 -5.71 -2.89 -30.35
C GLN D 38 -5.00 -3.88 -29.43
N LYS D 39 -4.13 -4.72 -29.99
CA LYS D 39 -3.39 -5.67 -29.17
C LYS D 39 -2.41 -4.95 -28.25
N LEU D 40 -1.61 -4.04 -28.81
CA LEU D 40 -0.63 -3.33 -28.01
C LEU D 40 -1.29 -2.43 -26.96
N ASN D 41 -2.52 -1.98 -27.21
CA ASN D 41 -3.24 -1.18 -26.22
C ASN D 41 -3.70 -2.06 -25.06
N ALA D 42 -4.19 -3.26 -25.36
CA ALA D 42 -4.65 -4.17 -24.33
C ALA D 42 -3.52 -4.89 -23.62
N SER D 43 -2.32 -4.90 -24.22
CA SER D 43 -1.19 -5.58 -23.61
C SER D 43 -0.90 -5.06 -22.21
N TYR D 44 -1.28 -3.82 -21.91
CA TYR D 44 -1.02 -3.21 -20.61
C TYR D 44 -2.00 -3.70 -19.55
N SER D 45 -3.08 -4.36 -19.94
CA SER D 45 -3.99 -5.01 -19.01
C SER D 45 -4.05 -6.52 -19.21
N ASN D 46 -3.39 -7.05 -20.24
CA ASN D 46 -3.36 -8.47 -20.54
C ASN D 46 -2.11 -9.14 -19.99
N THR D 47 -0.94 -8.60 -20.30
CA THR D 47 0.34 -9.21 -19.95
C THR D 47 0.88 -8.59 -18.67
N THR D 48 1.44 -9.43 -17.81
CA THR D 48 2.26 -8.98 -16.69
C THR D 48 3.57 -9.76 -16.71
N THR D 49 4.62 -9.15 -16.19
CA THR D 49 5.90 -9.83 -16.01
C THR D 49 6.31 -9.68 -14.55
N LEU D 50 6.38 -10.80 -13.83
CA LEU D 50 6.82 -10.84 -12.45
C LEU D 50 8.23 -11.45 -12.49
N ALA D 51 9.24 -10.59 -12.52
CA ALA D 51 10.60 -11.08 -12.62
C ALA D 51 11.54 -10.13 -11.91
N GLY D 52 12.71 -10.67 -11.55
CA GLY D 52 13.78 -9.89 -10.96
C GLY D 52 15.11 -10.36 -11.49
N ASP D 53 16.18 -9.74 -11.00
CA ASP D 53 17.52 -10.11 -11.43
C ASP D 53 17.90 -11.51 -10.98
N ASP D 54 17.21 -12.07 -9.99
CA ASP D 54 17.49 -13.43 -9.53
C ASP D 54 16.22 -14.06 -8.99
N ARG D 55 16.35 -15.33 -8.60
CA ARG D 55 15.20 -16.08 -8.09
C ARG D 55 14.61 -15.44 -6.83
N ILE D 56 15.47 -14.98 -5.92
CA ILE D 56 15.00 -14.44 -4.64
C ILE D 56 14.10 -13.22 -4.87
N GLN D 57 14.53 -12.32 -5.76
CA GLN D 57 13.74 -11.13 -6.04
C GLN D 57 12.45 -11.48 -6.78
N THR D 58 12.51 -12.45 -7.69
CA THR D 58 11.32 -12.85 -8.45
C THR D 58 10.22 -13.34 -7.52
N ALA D 59 10.57 -14.17 -6.53
CA ALA D 59 9.56 -14.65 -5.60
C ALA D 59 8.96 -13.49 -4.82
N ILE D 60 9.78 -12.51 -4.44
CA ILE D 60 9.27 -11.33 -3.76
C ILE D 60 8.27 -10.59 -4.65
N GLU D 61 8.56 -10.50 -5.95
CA GLU D 61 7.67 -9.81 -6.87
C GLU D 61 6.31 -10.49 -6.94
N ILE D 62 6.30 -11.83 -6.85
CA ILE D 62 5.04 -12.55 -6.88
C ILE D 62 4.27 -12.30 -5.59
N SER D 63 4.96 -12.26 -4.46
CA SER D 63 4.30 -11.93 -3.19
C SER D 63 3.78 -10.49 -3.20
N LYS D 64 4.54 -9.56 -3.78
CA LYS D 64 4.08 -8.18 -3.88
C LYS D 64 2.85 -8.06 -4.76
N GLU D 65 2.71 -8.94 -5.74
CA GLU D 65 1.62 -8.84 -6.70
C GLU D 65 0.30 -9.37 -6.15
N TYR D 66 0.34 -10.49 -5.41
CA TYR D 66 -0.87 -11.23 -5.11
C TYR D 66 -1.24 -11.30 -3.63
N TYR D 67 -0.39 -10.78 -2.73
CA TYR D 67 -0.63 -10.91 -1.30
C TYR D 67 -0.47 -9.56 -0.62
N ASN D 68 -1.53 -9.09 0.05
CA ASN D 68 -1.54 -7.81 0.73
C ASN D 68 -1.16 -6.68 -0.22
N ASN D 69 -2.05 -6.43 -1.18
CA ASN D 69 -1.77 -5.46 -2.21
C ASN D 69 -3.02 -4.67 -2.58
N ASP D 70 -3.89 -5.25 -3.39
CA ASP D 70 -5.13 -4.58 -3.81
C ASP D 70 -6.36 -5.11 -3.09
N GLY D 71 -6.25 -6.21 -2.37
CA GLY D 71 -7.36 -6.78 -1.63
C GLY D 71 -8.13 -7.81 -2.44
N GLU D 72 -8.95 -8.60 -1.74
CA GLU D 72 -9.65 -9.72 -2.35
C GLU D 72 -11.00 -9.31 -2.92
N LYS D 73 -11.30 -9.78 -4.12
CA LYS D 73 -12.59 -9.58 -4.76
C LYS D 73 -13.26 -10.93 -5.01
N SER D 74 -14.60 -10.90 -5.13
CA SER D 74 -15.38 -12.12 -5.21
C SER D 74 -15.22 -12.83 -6.55
N ASP D 75 -14.84 -12.12 -7.61
CA ASP D 75 -14.54 -12.75 -8.89
C ASP D 75 -13.18 -13.44 -8.91
N HIS D 76 -12.43 -13.37 -7.81
CA HIS D 76 -11.07 -13.92 -7.72
C HIS D 76 -10.12 -13.30 -8.74
N SER D 77 -10.30 -12.00 -9.02
CA SER D 77 -9.49 -11.31 -10.01
C SER D 77 -8.44 -10.41 -9.39
N ALA D 78 -8.19 -10.54 -8.09
CA ALA D 78 -7.21 -9.68 -7.45
C ALA D 78 -6.21 -10.49 -6.63
N ASP D 79 -6.33 -10.47 -5.30
CA ASP D 79 -5.33 -11.07 -4.45
C ASP D 79 -5.76 -12.46 -4.00
N VAL D 80 -4.76 -13.32 -3.75
CA VAL D 80 -5.04 -14.63 -3.16
C VAL D 80 -5.41 -14.46 -1.69
N LYS D 81 -4.74 -13.54 -1.00
CA LYS D 81 -5.02 -13.25 0.40
C LYS D 81 -4.69 -11.79 0.67
N GLU D 82 -5.58 -11.12 1.40
CA GLU D 82 -5.36 -9.74 1.82
C GLU D 82 -4.89 -9.64 3.26
N ASN D 83 -5.42 -10.48 4.15
CA ASN D 83 -4.99 -10.56 5.54
C ASN D 83 -4.17 -11.82 5.71
N VAL D 84 -2.87 -11.72 5.45
CA VAL D 84 -1.97 -12.87 5.45
C VAL D 84 -1.44 -13.09 6.86
N LYS D 85 -1.47 -14.34 7.30
CA LYS D 85 -0.94 -14.74 8.59
C LYS D 85 0.19 -15.76 8.50
N ASN D 86 0.44 -16.31 7.30
CA ASN D 86 1.42 -17.37 7.13
C ASN D 86 2.32 -17.08 5.93
N VAL D 87 3.53 -17.62 5.98
CA VAL D 87 4.49 -17.54 4.91
C VAL D 87 5.17 -18.90 4.79
N VAL D 88 5.33 -19.38 3.55
CA VAL D 88 6.12 -20.58 3.26
C VAL D 88 7.48 -20.14 2.75
N LEU D 89 8.54 -20.68 3.34
CA LEU D 89 9.91 -20.29 3.03
C LEU D 89 10.71 -21.49 2.54
N VAL D 90 11.48 -21.29 1.47
CA VAL D 90 12.23 -22.36 0.83
C VAL D 90 13.65 -21.88 0.53
N GLY D 91 14.59 -22.81 0.52
CA GLY D 91 15.95 -22.48 0.14
C GLY D 91 16.04 -22.15 -1.34
N ALA D 92 16.69 -21.03 -1.67
CA ALA D 92 16.77 -20.57 -3.05
C ALA D 92 17.52 -21.55 -3.94
N ASN D 93 18.48 -22.28 -3.39
CA ASN D 93 19.24 -23.28 -4.15
C ASN D 93 18.77 -24.70 -3.87
N ALA D 94 17.68 -24.87 -3.13
CA ALA D 94 17.19 -26.20 -2.74
C ALA D 94 15.78 -26.39 -3.30
N LEU D 95 15.70 -26.64 -4.61
CA LEU D 95 14.42 -26.87 -5.24
C LEU D 95 13.85 -28.23 -4.84
N VAL D 96 14.72 -29.23 -4.69
CA VAL D 96 14.25 -30.59 -4.38
C VAL D 96 13.61 -30.65 -3.00
N ASP D 97 14.03 -29.79 -2.08
CA ASP D 97 13.41 -29.77 -0.74
C ASP D 97 12.00 -29.20 -0.80
N GLY D 98 11.84 -28.06 -1.46
CA GLY D 98 10.56 -27.36 -1.52
C GLY D 98 9.71 -27.72 -2.71
N LEU D 99 10.02 -28.82 -3.40
CA LEU D 99 9.37 -29.17 -4.66
C LEU D 99 7.85 -29.19 -4.53
N VAL D 100 7.33 -29.71 -3.42
CA VAL D 100 5.89 -29.91 -3.26
C VAL D 100 5.32 -28.92 -2.25
N ALA D 101 5.98 -27.77 -2.11
CA ALA D 101 5.53 -26.77 -1.14
C ALA D 101 4.42 -25.88 -1.68
N ALA D 102 4.14 -25.92 -2.99
CA ALA D 102 3.11 -25.06 -3.55
C ALA D 102 1.72 -25.36 -2.99
N PRO D 103 1.26 -26.61 -2.92
CA PRO D 103 -0.06 -26.85 -2.30
C PRO D 103 -0.09 -26.53 -0.82
N LEU D 104 1.05 -26.57 -0.14
CA LEU D 104 1.11 -26.13 1.25
C LEU D 104 0.85 -24.64 1.35
N ALA D 105 1.57 -23.85 0.55
CA ALA D 105 1.34 -22.41 0.49
C ALA D 105 -0.13 -22.11 0.17
N ALA D 106 -0.75 -22.94 -0.66
CA ALA D 106 -2.17 -22.75 -0.98
C ALA D 106 -3.03 -22.94 0.25
N GLU D 107 -2.85 -24.06 0.96
CA GLU D 107 -3.70 -24.36 2.10
C GLU D 107 -3.50 -23.35 3.22
N LYS D 108 -2.28 -22.88 3.41
CA LYS D 108 -1.99 -21.91 4.46
C LYS D 108 -2.25 -20.48 4.03
N ASP D 109 -2.74 -20.26 2.81
CA ASP D 109 -3.00 -18.92 2.27
C ASP D 109 -1.76 -18.03 2.38
N ALA D 110 -0.64 -18.57 1.92
CA ALA D 110 0.66 -17.95 2.15
C ALA D 110 1.42 -17.75 0.85
N PRO D 111 2.22 -16.69 0.77
CA PRO D 111 3.22 -16.61 -0.31
C PRO D 111 4.34 -17.60 -0.06
N LEU D 112 4.98 -18.02 -1.15
CA LEU D 112 6.17 -18.87 -1.08
C LEU D 112 7.38 -18.02 -1.43
N LEU D 113 8.26 -17.81 -0.46
CA LEU D 113 9.44 -16.98 -0.64
C LEU D 113 10.71 -17.83 -0.56
N LEU D 114 11.79 -17.27 -1.08
CA LEU D 114 13.08 -17.95 -1.17
C LEU D 114 14.12 -17.18 -0.37
N THR D 115 14.99 -17.90 0.34
CA THR D 115 16.07 -17.28 1.09
C THR D 115 17.40 -17.95 0.76
N SER D 116 18.48 -17.30 1.17
CA SER D 116 19.81 -17.89 1.10
C SER D 116 19.99 -18.90 2.23
N LYS D 117 20.99 -19.77 2.06
CA LYS D 117 21.22 -20.84 3.03
C LYS D 117 21.56 -20.29 4.40
N ASP D 118 22.61 -19.47 4.47
CA ASP D 118 23.25 -19.14 5.75
C ASP D 118 22.43 -18.12 6.54
N LYS D 119 22.15 -16.97 5.95
CA LYS D 119 21.53 -15.86 6.65
C LYS D 119 20.37 -15.31 5.83
N LEU D 120 19.25 -15.04 6.50
CA LEU D 120 18.07 -14.50 5.84
C LEU D 120 18.43 -13.21 5.11
N ASP D 121 17.86 -13.03 3.91
CA ASP D 121 18.16 -11.88 3.09
C ASP D 121 17.35 -10.67 3.52
N SER D 122 17.99 -9.50 3.52
CA SER D 122 17.28 -8.28 3.87
C SER D 122 16.07 -8.05 2.97
N SER D 123 16.23 -8.36 1.68
CA SER D 123 15.10 -8.29 0.75
C SER D 123 13.92 -9.11 1.26
N VAL D 124 14.18 -10.34 1.69
CA VAL D 124 13.09 -11.24 2.08
C VAL D 124 12.55 -10.83 3.45
N LYS D 125 13.43 -10.44 4.36
CA LYS D 125 12.99 -10.02 5.68
C LYS D 125 12.04 -8.83 5.58
N SER D 126 12.31 -7.89 4.67
CA SER D 126 11.39 -6.78 4.43
C SER D 126 10.07 -7.28 3.87
N GLU D 127 10.11 -8.21 2.91
CA GLU D 127 8.89 -8.72 2.31
C GLU D 127 7.99 -9.37 3.36
N ILE D 128 8.57 -10.23 4.20
CA ILE D 128 7.78 -10.89 5.24
C ILE D 128 7.11 -9.85 6.14
N LYS D 129 7.86 -8.81 6.53
CA LYS D 129 7.28 -7.72 7.31
C LYS D 129 6.11 -7.08 6.57
N ARG D 130 6.27 -6.86 5.26
CA ARG D 130 5.24 -6.21 4.45
C ARG D 130 3.97 -7.06 4.37
N VAL D 131 4.10 -8.28 3.84
CA VAL D 131 2.92 -9.09 3.54
C VAL D 131 2.16 -9.45 4.81
N LEU D 132 2.86 -9.59 5.94
CA LEU D 132 2.22 -9.92 7.20
C LEU D 132 1.79 -8.69 7.99
N ASP D 133 2.12 -7.49 7.51
CA ASP D 133 1.76 -6.23 8.17
C ASP D 133 2.34 -6.18 9.59
N LEU D 134 3.62 -6.51 9.69
CA LEU D 134 4.31 -6.47 10.97
C LEU D 134 4.77 -5.04 11.27
N LYS D 135 4.36 -4.50 12.41
CA LYS D 135 4.82 -3.20 12.87
C LYS D 135 5.33 -3.34 14.29
N THR D 136 6.37 -2.57 14.62
CA THR D 136 6.98 -2.65 15.94
C THR D 136 6.08 -2.13 17.05
N SER D 137 4.94 -1.55 16.71
CA SER D 137 4.03 -1.01 17.71
C SER D 137 3.04 -2.04 18.24
N THR D 138 2.74 -3.10 17.48
CA THR D 138 1.77 -4.10 17.88
C THR D 138 2.45 -5.45 18.04
N GLU D 139 1.88 -6.28 18.91
CA GLU D 139 2.39 -7.62 19.15
C GLU D 139 2.25 -8.49 17.90
N VAL D 140 3.33 -9.17 17.54
CA VAL D 140 3.32 -10.15 16.45
C VAL D 140 2.76 -11.46 16.99
N THR D 141 1.49 -11.74 16.72
CA THR D 141 0.84 -12.94 17.21
C THR D 141 0.00 -13.55 16.09
N GLY D 142 -0.16 -14.88 16.15
CA GLY D 142 -0.92 -15.56 15.13
C GLY D 142 -0.26 -15.63 13.78
N LYS D 143 1.05 -15.40 13.72
CA LYS D 143 1.80 -15.34 12.46
C LYS D 143 2.80 -16.49 12.45
N THR D 144 2.75 -17.32 11.41
CA THR D 144 3.60 -18.50 11.32
C THR D 144 4.37 -18.52 10.01
N VAL D 145 5.61 -19.01 10.07
CA VAL D 145 6.43 -19.23 8.89
C VAL D 145 6.74 -20.72 8.82
N TYR D 146 6.28 -21.37 7.76
CA TYR D 146 6.59 -22.78 7.53
C TYR D 146 7.80 -22.90 6.60
N ILE D 147 8.88 -23.47 7.12
CA ILE D 147 10.08 -23.72 6.34
C ILE D 147 10.02 -25.12 5.74
N ALA D 148 9.98 -25.19 4.41
CA ALA D 148 10.04 -26.46 3.69
C ALA D 148 11.50 -26.70 3.28
N GLY D 149 12.18 -27.57 3.99
CA GLY D 149 13.56 -27.90 3.70
C GLY D 149 14.35 -28.16 4.96
N GLY D 150 15.52 -28.78 4.79
CA GLY D 150 16.38 -29.14 5.89
C GLY D 150 17.37 -28.05 6.26
N VAL D 151 18.27 -28.39 7.19
CA VAL D 151 19.18 -27.40 7.75
C VAL D 151 20.26 -26.99 6.76
N ASN D 152 20.48 -27.78 5.71
CA ASN D 152 21.42 -27.36 4.67
C ASN D 152 20.77 -26.49 3.61
N SER D 153 19.44 -26.45 3.55
CA SER D 153 18.75 -25.55 2.65
C SER D 153 18.43 -24.22 3.32
N VAL D 154 17.82 -24.27 4.50
CA VAL D 154 17.54 -23.10 5.31
C VAL D 154 18.21 -23.32 6.67
N SER D 155 19.15 -22.45 7.02
CA SER D 155 20.00 -22.64 8.18
C SER D 155 19.21 -22.50 9.48
N LYS D 156 19.89 -22.82 10.57
CA LYS D 156 19.35 -22.54 11.90
C LYS D 156 19.34 -21.05 12.18
N GLU D 157 20.33 -20.32 11.65
CA GLU D 157 20.40 -18.87 11.88
C GLU D 157 19.21 -18.16 11.26
N VAL D 158 18.73 -18.64 10.12
CA VAL D 158 17.52 -18.09 9.53
C VAL D 158 16.35 -18.21 10.48
N VAL D 159 16.26 -19.35 11.18
CA VAL D 159 15.14 -19.57 12.09
C VAL D 159 15.22 -18.64 13.30
N THR D 160 16.41 -18.53 13.90
CA THR D 160 16.54 -17.67 15.07
C THR D 160 16.21 -16.23 14.74
N GLU D 161 16.55 -15.78 13.53
CA GLU D 161 16.19 -14.44 13.10
C GLU D 161 14.70 -14.32 12.88
N LEU D 162 14.09 -15.33 12.24
CA LEU D 162 12.64 -15.33 12.07
C LEU D 162 11.91 -15.33 13.41
N GLU D 163 12.54 -15.90 14.43
CA GLU D 163 11.95 -15.90 15.77
C GLU D 163 12.14 -14.56 16.47
N SER D 164 13.25 -13.88 16.20
CA SER D 164 13.46 -12.53 16.72
C SER D 164 12.44 -11.53 16.17
N MET D 165 11.69 -11.90 15.15
CA MET D 165 10.64 -11.07 14.59
C MET D 165 9.30 -11.30 15.26
N GLY D 166 9.25 -12.20 16.24
CA GLY D 166 8.00 -12.56 16.88
C GLY D 166 7.21 -13.59 16.12
N LEU D 167 7.81 -14.26 15.14
CA LEU D 167 7.11 -15.20 14.28
C LEU D 167 7.30 -16.61 14.81
N LYS D 168 6.22 -17.40 14.75
CA LYS D 168 6.32 -18.82 15.02
C LYS D 168 6.86 -19.51 13.77
N VAL D 169 7.76 -20.47 13.98
CA VAL D 169 8.41 -21.18 12.88
C VAL D 169 8.11 -22.67 13.01
N GLU D 170 7.77 -23.29 11.89
CA GLU D 170 7.59 -24.74 11.79
C GLU D 170 8.40 -25.25 10.62
N ARG D 171 9.34 -26.14 10.88
CA ARG D 171 10.12 -26.77 9.82
C ARG D 171 9.50 -28.08 9.39
N PHE D 172 9.49 -28.32 8.08
CA PHE D 172 9.14 -29.62 7.50
C PHE D 172 10.36 -30.12 6.73
N SER D 173 10.99 -31.18 7.23
CA SER D 173 12.15 -31.73 6.57
C SER D 173 12.39 -33.14 7.08
N GLY D 174 13.04 -33.95 6.24
CA GLY D 174 13.42 -35.30 6.59
C GLY D 174 14.83 -35.63 6.11
N ASP D 175 15.13 -36.92 5.96
CA ASP D 175 16.46 -37.34 5.56
C ASP D 175 16.69 -37.30 4.05
N ASP D 176 15.66 -37.04 3.25
CA ASP D 176 15.80 -37.05 1.79
C ASP D 176 14.61 -36.33 1.17
N ARG D 177 14.60 -36.31 -0.17
CA ARG D 177 13.47 -35.76 -0.92
C ARG D 177 12.14 -36.32 -0.44
N TYR D 178 12.10 -37.63 -0.19
CA TYR D 178 10.84 -38.34 -0.08
C TYR D 178 10.23 -38.18 1.31
N GLU D 179 11.08 -38.12 2.34
CA GLU D 179 10.59 -37.87 3.69
C GLU D 179 10.08 -36.44 3.81
N THR D 180 10.83 -35.47 3.28
CA THR D 180 10.42 -34.08 3.33
C THR D 180 9.08 -33.87 2.63
N SER D 181 8.94 -34.40 1.41
CA SER D 181 7.67 -34.28 0.70
C SER D 181 6.53 -34.92 1.51
N LEU D 182 6.81 -36.04 2.17
CA LEU D 182 5.76 -36.71 2.93
C LEU D 182 5.37 -35.90 4.17
N LYS D 183 6.33 -35.22 4.79
CA LYS D 183 6.00 -34.38 5.94
C LYS D 183 5.15 -33.19 5.51
N ILE D 184 5.45 -32.61 4.35
CA ILE D 184 4.64 -31.50 3.83
C ILE D 184 3.24 -32.00 3.47
N ALA D 185 3.18 -33.11 2.72
CA ALA D 185 1.90 -33.71 2.37
C ALA D 185 1.05 -34.01 3.60
N ASP D 186 1.70 -34.49 4.68
CA ASP D 186 0.96 -34.83 5.88
C ASP D 186 0.34 -33.60 6.53
N GLU D 187 0.99 -32.44 6.39
CA GLU D 187 0.40 -31.18 6.86
C GLU D 187 -0.85 -30.83 6.07
N ILE D 188 -0.81 -31.03 4.75
CA ILE D 188 -1.94 -30.67 3.89
C ILE D 188 -3.11 -31.61 4.11
N GLY D 189 -2.86 -32.92 4.11
CA GLY D 189 -3.88 -33.91 4.36
C GLY D 189 -4.63 -34.33 3.11
N LEU D 190 -5.39 -35.41 3.24
CA LEU D 190 -6.12 -35.99 2.13
C LEU D 190 -7.62 -35.73 2.24
N ASP D 191 -7.99 -34.45 2.39
CA ASP D 191 -9.41 -34.12 2.50
C ASP D 191 -10.17 -34.44 1.21
N ASN D 192 -9.46 -34.57 0.10
CA ASN D 192 -10.07 -34.89 -1.18
C ASN D 192 -9.82 -36.33 -1.57
N ASP D 193 -9.29 -37.13 -0.63
CA ASP D 193 -8.98 -38.53 -0.86
C ASP D 193 -8.17 -38.71 -2.16
N LYS D 194 -7.17 -37.86 -2.32
CA LYS D 194 -6.33 -37.92 -3.51
C LYS D 194 -4.95 -37.38 -3.20
N ALA D 195 -3.96 -37.83 -3.98
CA ALA D 195 -2.59 -37.35 -3.90
C ALA D 195 -1.96 -37.46 -5.28
N TYR D 196 -1.03 -36.56 -5.56
CA TYR D 196 -0.27 -36.58 -6.81
C TYR D 196 1.14 -37.06 -6.53
N VAL D 197 1.64 -37.95 -7.39
CA VAL D 197 2.93 -38.60 -7.18
C VAL D 197 3.87 -38.16 -8.29
N VAL D 198 5.12 -37.88 -7.91
CA VAL D 198 6.17 -37.46 -8.84
C VAL D 198 7.45 -38.19 -8.47
N GLY D 199 8.32 -38.36 -9.47
CA GLY D 199 9.60 -38.99 -9.25
C GLY D 199 10.67 -38.01 -8.79
N GLY D 200 11.71 -38.55 -8.15
CA GLY D 200 12.80 -37.73 -7.65
C GLY D 200 13.50 -36.91 -8.71
N THR D 201 13.43 -37.34 -9.97
CA THR D 201 13.99 -36.59 -11.08
C THR D 201 12.94 -35.80 -11.85
N GLY D 202 11.66 -35.95 -11.49
CA GLY D 202 10.59 -35.27 -12.20
C GLY D 202 10.36 -33.88 -11.68
N LEU D 203 11.41 -33.05 -11.66
CA LEU D 203 11.27 -31.71 -11.14
C LEU D 203 10.36 -30.86 -12.03
N ALA D 204 10.51 -30.98 -13.35
CA ALA D 204 9.62 -30.28 -14.26
C ALA D 204 8.20 -30.82 -14.22
N ASP D 205 8.02 -32.06 -13.77
CA ASP D 205 6.69 -32.64 -13.67
C ASP D 205 5.96 -32.13 -12.44
N ALA D 206 6.68 -31.91 -11.33
CA ALA D 206 6.06 -31.33 -10.15
C ALA D 206 5.67 -29.87 -10.40
N MET D 207 6.43 -29.17 -11.24
CA MET D 207 6.12 -27.78 -11.51
C MET D 207 4.89 -27.65 -12.40
N SER D 208 4.64 -28.64 -13.26
CA SER D 208 3.44 -28.62 -14.09
C SER D 208 2.19 -28.90 -13.27
N ILE D 209 2.29 -29.81 -12.31
CA ILE D 209 1.10 -30.21 -11.54
C ILE D 209 0.84 -29.32 -10.33
N ALA D 210 1.84 -28.57 -9.87
CA ALA D 210 1.65 -27.64 -8.75
C ALA D 210 0.39 -26.80 -8.90
N SER D 211 0.16 -26.28 -10.11
CA SER D 211 -1.07 -25.55 -10.41
C SER D 211 -2.30 -26.34 -10.00
N VAL D 212 -2.41 -27.57 -10.49
CA VAL D 212 -3.60 -28.37 -10.26
C VAL D 212 -3.72 -28.76 -8.79
N ALA D 213 -2.59 -29.12 -8.16
CA ALA D 213 -2.63 -29.51 -6.76
C ALA D 213 -3.04 -28.34 -5.86
N SER D 214 -2.58 -27.14 -6.19
CA SER D 214 -2.91 -25.97 -5.39
C SER D 214 -4.30 -25.43 -5.68
N THR D 215 -5.06 -26.09 -6.56
CA THR D 215 -6.42 -25.67 -6.83
C THR D 215 -7.33 -26.20 -5.73
N LYS D 216 -7.98 -25.31 -5.00
CA LYS D 216 -8.73 -25.69 -3.82
C LYS D 216 -10.08 -26.27 -4.20
N LEU D 217 -10.20 -27.58 -4.08
CA LEU D 217 -11.44 -28.26 -4.39
C LEU D 217 -12.23 -28.50 -3.10
N ASP D 218 -13.56 -28.54 -3.26
CA ASP D 218 -14.45 -28.81 -2.14
C ASP D 218 -14.90 -30.25 -2.17
N GLY D 219 -16.01 -30.55 -1.54
CA GLY D 219 -16.58 -31.87 -1.65
C GLY D 219 -17.19 -31.97 -3.04
N ASN D 220 -17.37 -33.20 -3.52
CA ASN D 220 -17.90 -33.53 -4.85
C ASN D 220 -17.00 -33.11 -6.00
N GLY D 221 -15.82 -32.55 -5.73
CA GLY D 221 -14.90 -32.15 -6.77
C GLY D 221 -15.10 -30.76 -7.33
N VAL D 222 -16.00 -29.97 -6.75
CA VAL D 222 -16.20 -28.58 -7.15
C VAL D 222 -15.04 -27.75 -6.65
N VAL D 223 -14.92 -26.51 -7.10
CA VAL D 223 -13.85 -25.61 -6.72
C VAL D 223 -14.40 -24.60 -5.71
N ASP D 224 -13.88 -24.64 -4.48
CA ASP D 224 -14.20 -23.65 -3.46
C ASP D 224 -12.91 -23.03 -2.93
N ARG D 225 -12.59 -21.83 -3.41
CA ARG D 225 -11.41 -21.13 -2.93
C ARG D 225 -11.65 -20.44 -1.59
N THR D 226 -12.79 -20.69 -0.97
CA THR D 226 -13.16 -20.14 0.33
C THR D 226 -13.10 -21.20 1.43
N ASN D 227 -13.84 -22.30 1.26
CA ASN D 227 -13.87 -23.39 2.24
C ASN D 227 -13.26 -24.69 1.70
N GLY D 228 -12.44 -24.62 0.66
CA GLY D 228 -11.91 -25.80 0.00
C GLY D 228 -10.52 -26.19 0.48
N HIS D 229 -10.05 -27.30 -0.09
CA HIS D 229 -8.78 -27.91 0.28
C HIS D 229 -7.96 -28.24 -0.96
N ALA D 230 -6.65 -28.08 -0.84
CA ALA D 230 -5.73 -28.45 -1.91
C ALA D 230 -5.36 -29.93 -1.78
N THR D 231 -4.69 -30.44 -2.81
CA THR D 231 -4.26 -31.83 -2.84
C THR D 231 -2.75 -31.91 -2.71
N PRO D 232 -2.23 -32.79 -1.84
CA PRO D 232 -0.79 -32.87 -1.66
C PRO D 232 -0.09 -33.59 -2.81
N ILE D 233 1.21 -33.29 -2.94
CA ILE D 233 2.09 -33.98 -3.87
C ILE D 233 3.16 -34.69 -3.06
N VAL D 234 3.46 -35.94 -3.44
CA VAL D 234 4.48 -36.73 -2.76
C VAL D 234 5.52 -37.16 -3.79
N VAL D 235 6.79 -37.09 -3.40
CA VAL D 235 7.90 -37.51 -4.25
C VAL D 235 8.28 -38.93 -3.89
N VAL D 236 8.51 -39.77 -4.90
CA VAL D 236 8.91 -41.15 -4.68
C VAL D 236 10.12 -41.48 -5.54
N ASP D 237 10.94 -42.41 -5.06
CA ASP D 237 12.03 -42.96 -5.84
C ASP D 237 11.43 -43.84 -6.93
N GLY D 238 11.33 -43.33 -8.16
CA GLY D 238 10.66 -44.07 -9.20
C GLY D 238 11.37 -45.36 -9.56
N LYS D 239 12.69 -45.40 -9.43
CA LYS D 239 13.51 -46.56 -9.77
C LYS D 239 13.55 -47.55 -8.62
N ALA D 240 12.39 -47.82 -8.01
CA ALA D 240 12.30 -48.71 -6.86
C ALA D 240 11.03 -49.53 -6.93
N ASP D 241 11.01 -50.61 -6.16
CA ASP D 241 9.99 -51.65 -6.27
C ASP D 241 8.95 -51.63 -5.16
N LYS D 242 9.32 -51.14 -3.97
CA LYS D 242 8.46 -51.13 -2.81
C LYS D 242 8.23 -49.69 -2.35
N ILE D 243 7.14 -49.49 -1.60
CA ILE D 243 6.89 -48.22 -0.91
C ILE D 243 7.20 -48.41 0.57
N SER D 244 7.61 -47.32 1.22
CA SER D 244 7.86 -47.37 2.66
C SER D 244 6.54 -47.49 3.42
N ASP D 245 6.65 -47.84 4.71
CA ASP D 245 5.47 -47.93 5.56
C ASP D 245 4.83 -46.57 5.77
N ASP D 246 5.64 -45.50 5.82
CA ASP D 246 5.11 -44.16 6.02
C ASP D 246 4.20 -43.75 4.87
N LEU D 247 4.66 -43.96 3.63
CA LEU D 247 3.84 -43.63 2.47
C LEU D 247 2.58 -44.49 2.41
N ASP D 248 2.71 -45.78 2.75
CA ASP D 248 1.54 -46.66 2.79
C ASP D 248 0.50 -46.13 3.79
N SER D 249 0.94 -45.84 5.01
CA SER D 249 0.01 -45.36 6.03
C SER D 249 -0.58 -44.00 5.67
N PHE D 250 0.20 -43.15 5.00
CA PHE D 250 -0.32 -41.87 4.52
C PHE D 250 -1.39 -42.07 3.46
N LEU D 251 -1.03 -42.75 2.37
CA LEU D 251 -1.91 -42.87 1.21
C LEU D 251 -3.23 -43.55 1.57
N GLY D 252 -3.16 -44.65 2.30
CA GLY D 252 -4.35 -45.39 2.67
C GLY D 252 -5.13 -45.90 1.48
N SER D 253 -6.35 -45.38 1.31
CA SER D 253 -7.21 -45.80 0.20
C SER D 253 -7.63 -44.61 -0.64
N ALA D 254 -6.68 -43.77 -1.02
CA ALA D 254 -6.95 -42.53 -1.72
C ALA D 254 -6.57 -42.64 -3.19
N ASP D 255 -7.26 -41.87 -4.03
CA ASP D 255 -6.94 -41.85 -5.46
C ASP D 255 -5.56 -41.27 -5.68
N VAL D 256 -4.85 -41.80 -6.67
CA VAL D 256 -3.48 -41.40 -6.96
C VAL D 256 -3.33 -41.14 -8.45
N ASP D 257 -2.72 -40.02 -8.80
CA ASP D 257 -2.31 -39.73 -10.18
C ASP D 257 -0.80 -39.55 -10.20
N ILE D 258 -0.11 -40.36 -10.99
CA ILE D 258 1.33 -40.22 -11.16
C ILE D 258 1.58 -39.33 -12.37
N ILE D 259 2.35 -38.27 -12.17
CA ILE D 259 2.72 -37.35 -13.23
C ILE D 259 4.14 -37.66 -13.64
N GLY D 260 4.34 -37.95 -14.92
CA GLY D 260 5.65 -38.23 -15.47
C GLY D 260 5.69 -39.54 -16.20
N GLY D 261 6.75 -39.72 -16.99
CA GLY D 261 6.94 -40.93 -17.74
C GLY D 261 7.49 -42.05 -16.87
N PHE D 262 7.77 -43.17 -17.51
CA PHE D 262 8.18 -44.36 -16.77
C PHE D 262 9.62 -44.28 -16.31
N ALA D 263 10.42 -43.37 -16.88
CA ALA D 263 11.75 -43.11 -16.36
C ALA D 263 11.69 -42.35 -15.05
N SER D 264 10.67 -41.50 -14.87
CA SER D 264 10.49 -40.82 -13.60
C SER D 264 9.92 -41.76 -12.54
N VAL D 265 8.82 -42.44 -12.86
CA VAL D 265 8.20 -43.41 -11.96
C VAL D 265 7.96 -44.69 -12.74
N SER D 266 8.59 -45.78 -12.29
CA SER D 266 8.53 -47.08 -12.94
C SER D 266 7.14 -47.70 -12.86
N GLU D 267 6.92 -48.73 -13.69
CA GLU D 267 5.71 -49.54 -13.58
C GLU D 267 5.67 -50.26 -12.24
N LYS D 268 6.82 -50.73 -11.77
CA LYS D 268 6.90 -51.42 -10.48
C LYS D 268 6.36 -50.54 -9.37
N MET D 269 6.78 -49.27 -9.34
CA MET D 269 6.34 -48.35 -8.30
C MET D 269 4.86 -48.03 -8.45
N GLU D 270 4.38 -47.95 -9.70
CA GLU D 270 2.96 -47.73 -9.96
C GLU D 270 2.12 -48.86 -9.37
N GLU D 271 2.54 -50.11 -9.57
CA GLU D 271 1.78 -51.24 -9.04
C GLU D 271 1.91 -51.32 -7.53
N ALA D 272 3.07 -50.95 -6.99
CA ALA D 272 3.23 -50.90 -5.54
C ALA D 272 2.21 -49.96 -4.90
N ILE D 273 2.11 -48.74 -5.43
CA ILE D 273 1.12 -47.79 -4.92
C ILE D 273 -0.29 -48.32 -5.16
N SER D 274 -0.52 -48.93 -6.32
CA SER D 274 -1.81 -49.53 -6.62
C SER D 274 -2.21 -50.56 -5.57
N ASP D 275 -1.28 -51.45 -5.22
CA ASP D 275 -1.59 -52.52 -4.28
C ASP D 275 -1.88 -51.97 -2.89
N ALA D 276 -1.06 -51.03 -2.40
CA ALA D 276 -1.29 -50.45 -1.09
C ALA D 276 -2.62 -49.72 -1.02
N THR D 277 -2.96 -48.97 -2.08
CA THR D 277 -4.22 -48.25 -2.11
C THR D 277 -5.41 -49.20 -2.26
N GLY D 278 -5.25 -50.24 -3.07
CA GLY D 278 -6.39 -51.03 -3.46
C GLY D 278 -7.21 -50.41 -4.56
N LYS D 279 -6.62 -49.47 -5.30
CA LYS D 279 -7.30 -48.77 -6.38
C LYS D 279 -6.38 -48.72 -7.59
N GLY D 280 -6.98 -48.34 -8.72
CA GLY D 280 -6.20 -48.09 -9.92
C GLY D 280 -5.59 -46.70 -9.89
N VAL D 281 -4.34 -46.61 -10.32
CA VAL D 281 -3.61 -45.35 -10.37
C VAL D 281 -3.69 -44.79 -11.79
N THR D 282 -3.95 -43.49 -11.90
CA THR D 282 -3.92 -42.79 -13.17
C THR D 282 -2.50 -42.29 -13.45
N ARG D 283 -2.16 -42.20 -14.73
CA ARG D 283 -0.85 -41.68 -15.13
C ARG D 283 -1.04 -40.65 -16.24
N VAL D 284 -0.51 -39.45 -16.01
CA VAL D 284 -0.35 -38.43 -17.04
C VAL D 284 1.12 -38.39 -17.39
N LYS D 285 1.48 -38.91 -18.56
CA LYS D 285 2.88 -39.08 -18.93
C LYS D 285 3.22 -38.30 -20.19
N GLY D 286 4.52 -38.23 -20.48
CA GLY D 286 5.05 -37.65 -21.69
C GLY D 286 6.49 -38.07 -21.88
N ASP D 287 7.07 -37.69 -23.02
CA ASP D 287 8.45 -38.04 -23.33
C ASP D 287 9.50 -37.00 -22.92
N ASP D 288 9.10 -35.76 -22.65
CA ASP D 288 10.01 -34.70 -22.25
C ASP D 288 9.32 -33.87 -21.18
N ARG D 289 9.99 -32.79 -20.75
CA ARG D 289 9.32 -31.82 -19.88
C ARG D 289 8.04 -31.29 -20.51
N GLN D 290 8.13 -30.85 -21.77
CA GLN D 290 7.05 -30.13 -22.43
C GLN D 290 5.87 -31.01 -22.87
N ASP D 291 6.12 -32.31 -23.15
CA ASP D 291 5.02 -33.23 -23.49
C ASP D 291 4.19 -33.54 -22.24
N THR D 292 4.86 -33.76 -21.10
CA THR D 292 4.14 -33.93 -19.85
C THR D 292 3.42 -32.66 -19.46
N ASN D 293 4.07 -31.51 -19.67
CA ASN D 293 3.43 -30.22 -19.39
C ASN D 293 2.16 -30.06 -20.22
N SER D 294 2.25 -30.38 -21.52
CA SER D 294 1.09 -30.33 -22.40
C SER D 294 0.01 -31.30 -21.94
N GLU D 295 0.41 -32.52 -21.58
CA GLU D 295 -0.56 -33.54 -21.17
C GLU D 295 -1.28 -33.12 -19.89
N VAL D 296 -0.54 -32.53 -18.95
CA VAL D 296 -1.16 -32.01 -17.73
C VAL D 296 -2.22 -30.98 -18.06
N ILE D 297 -1.89 -30.03 -18.94
CA ILE D 297 -2.82 -28.97 -19.32
C ILE D 297 -4.07 -29.56 -19.97
N LYS D 298 -3.89 -30.39 -21.01
CA LYS D 298 -5.02 -31.00 -21.70
C LYS D 298 -5.89 -31.81 -20.75
N THR D 299 -5.28 -32.56 -19.84
CA THR D 299 -6.05 -33.42 -18.96
C THR D 299 -6.85 -32.61 -17.95
N TYR D 300 -6.16 -31.78 -17.17
CA TYR D 300 -6.76 -31.18 -15.98
C TYR D 300 -7.42 -29.84 -16.24
N TYR D 301 -7.15 -29.19 -17.36
CA TYR D 301 -7.76 -27.90 -17.68
C TYR D 301 -8.68 -28.00 -18.89
N ALA D 302 -9.19 -29.19 -19.19
CA ALA D 302 -10.09 -29.38 -20.32
C ALA D 302 -11.45 -28.77 -20.02
N ASN D 303 -12.29 -28.69 -21.06
CA ASN D 303 -13.58 -28.01 -20.95
C ASN D 303 -14.49 -28.70 -19.94
N ASP D 304 -14.53 -30.03 -19.95
CA ASP D 304 -15.43 -30.79 -19.07
C ASP D 304 -14.97 -30.82 -17.62
N THR D 305 -13.77 -30.34 -17.32
CA THR D 305 -13.28 -30.33 -15.93
C THR D 305 -13.96 -29.24 -15.12
N GLU D 306 -13.84 -29.36 -13.80
CA GLU D 306 -14.44 -28.39 -12.89
C GLU D 306 -13.67 -27.07 -12.91
N ILE D 307 -12.38 -27.13 -13.15
CA ILE D 307 -11.58 -25.90 -13.22
C ILE D 307 -12.07 -25.01 -14.35
N ALA D 308 -12.43 -25.60 -15.48
CA ALA D 308 -12.95 -24.81 -16.60
C ALA D 308 -14.31 -24.24 -16.27
N LYS D 309 -15.18 -25.03 -15.63
CA LYS D 309 -16.50 -24.53 -15.25
C LYS D 309 -16.38 -23.36 -14.29
N ALA D 310 -15.47 -23.45 -13.33
CA ALA D 310 -15.27 -22.38 -12.37
C ALA D 310 -14.60 -21.17 -12.99
N ALA D 311 -13.67 -21.40 -13.93
CA ALA D 311 -12.93 -20.28 -14.51
C ALA D 311 -13.84 -19.35 -15.31
N VAL D 312 -14.86 -19.90 -15.95
CA VAL D 312 -15.78 -19.04 -16.68
C VAL D 312 -16.76 -18.35 -15.73
N LEU D 313 -17.15 -19.02 -14.64
CA LEU D 313 -18.00 -18.38 -13.64
C LEU D 313 -17.32 -17.17 -13.00
N ASP D 314 -15.99 -17.09 -13.10
CA ASP D 314 -15.27 -15.92 -12.60
C ASP D 314 -15.29 -14.78 -13.60
N LYS D 315 -15.47 -15.08 -14.88
CA LYS D 315 -15.60 -14.04 -15.90
C LYS D 315 -17.04 -13.57 -16.04
N ASP D 316 -17.99 -14.49 -15.91
CA ASP D 316 -19.42 -14.18 -16.01
C ASP D 316 -20.21 -15.23 -15.26
N SER D 317 -20.90 -14.82 -14.20
CA SER D 317 -21.65 -15.76 -13.37
C SER D 317 -22.80 -16.41 -14.14
N GLY D 318 -23.26 -15.82 -15.23
CA GLY D 318 -24.37 -16.39 -15.97
C GLY D 318 -24.00 -17.36 -17.07
N ALA D 319 -22.99 -18.20 -16.83
CA ALA D 319 -22.51 -19.17 -17.81
C ALA D 319 -22.78 -20.58 -17.34
N SER D 320 -23.14 -21.46 -18.29
CA SER D 320 -23.32 -22.89 -18.06
C SER D 320 -21.97 -23.60 -18.24
N SER D 321 -21.97 -24.91 -17.98
CA SER D 321 -20.79 -25.74 -18.24
C SER D 321 -20.40 -25.79 -19.72
N SER D 322 -21.29 -25.35 -20.61
CA SER D 322 -20.97 -25.23 -22.03
C SER D 322 -20.14 -23.99 -22.34
N ASP D 323 -20.02 -23.06 -21.39
CA ASP D 323 -19.17 -21.90 -21.54
C ASP D 323 -17.76 -22.13 -21.00
N ALA D 324 -17.46 -23.33 -20.53
CA ALA D 324 -16.24 -23.60 -19.80
C ALA D 324 -14.99 -23.33 -20.64
N GLY D 325 -13.95 -22.87 -19.97
CA GLY D 325 -12.67 -22.60 -20.64
C GLY D 325 -11.68 -21.99 -19.66
N VAL D 326 -10.43 -21.96 -20.10
CA VAL D 326 -9.34 -21.40 -19.31
C VAL D 326 -9.01 -20.02 -19.85
N PHE D 327 -8.88 -19.04 -18.95
CA PHE D 327 -8.69 -17.65 -19.33
C PHE D 327 -7.41 -17.01 -18.81
N ASN D 328 -6.83 -17.54 -17.72
CA ASN D 328 -5.56 -17.04 -17.19
C ASN D 328 -4.45 -18.03 -17.51
N PHE D 329 -3.25 -17.51 -17.79
CA PHE D 329 -2.12 -18.36 -18.16
C PHE D 329 -0.83 -17.82 -17.56
N TYR D 330 0.05 -18.73 -17.16
CA TYR D 330 1.39 -18.40 -16.70
C TYR D 330 2.42 -19.09 -17.57
N VAL D 331 3.59 -18.49 -17.69
CA VAL D 331 4.70 -19.07 -18.45
C VAL D 331 6.00 -18.87 -17.68
N ALA D 332 6.75 -19.96 -17.51
CA ALA D 332 8.03 -19.92 -16.84
C ALA D 332 9.01 -20.79 -17.64
N LYS D 333 10.26 -20.81 -17.20
CA LYS D 333 11.29 -21.60 -17.85
C LYS D 333 11.07 -23.09 -17.61
N ASP D 334 11.71 -23.90 -18.45
CA ASP D 334 11.63 -25.35 -18.34
C ASP D 334 12.87 -25.97 -17.72
N GLY D 335 13.97 -25.22 -17.63
CA GLY D 335 15.15 -25.72 -16.96
C GLY D 335 15.94 -26.73 -17.77
N SER D 336 15.82 -26.69 -19.09
CA SER D 336 16.57 -27.62 -19.94
C SER D 336 18.07 -27.38 -19.81
N THR D 337 18.50 -26.12 -19.93
CA THR D 337 19.92 -25.80 -19.77
C THR D 337 20.36 -25.99 -18.33
N LYS D 338 19.62 -25.40 -17.39
CA LYS D 338 19.94 -25.46 -15.96
C LYS D 338 18.64 -25.74 -15.20
N GLU D 339 18.61 -26.89 -14.51
CA GLU D 339 17.36 -27.32 -13.90
C GLU D 339 16.94 -26.42 -12.74
N ASP D 340 17.88 -25.76 -12.07
CA ASP D 340 17.49 -24.87 -10.99
C ASP D 340 16.70 -23.66 -11.47
N GLN D 341 16.68 -23.40 -12.79
CA GLN D 341 15.84 -22.35 -13.35
C GLN D 341 14.35 -22.65 -13.18
N LEU D 342 13.99 -23.84 -12.74
CA LEU D 342 12.60 -24.18 -12.46
C LEU D 342 12.08 -23.56 -11.18
N VAL D 343 12.96 -23.00 -10.34
CA VAL D 343 12.51 -22.45 -9.07
C VAL D 343 11.57 -21.27 -9.27
N ASP D 344 11.55 -20.70 -10.47
CA ASP D 344 10.65 -19.58 -10.75
C ASP D 344 9.20 -20.03 -10.84
N ALA D 345 8.96 -21.31 -11.14
CA ALA D 345 7.59 -21.82 -11.21
C ALA D 345 7.08 -22.31 -9.88
N LEU D 346 7.98 -22.58 -8.92
CA LEU D 346 7.56 -23.04 -7.61
C LEU D 346 6.76 -21.96 -6.89
N ALA D 347 7.22 -20.71 -6.97
CA ALA D 347 6.56 -19.62 -6.26
C ALA D 347 5.16 -19.34 -6.82
N VAL D 348 4.93 -19.64 -8.09
CA VAL D 348 3.67 -19.26 -8.73
C VAL D 348 2.57 -20.29 -8.50
N GLY D 349 2.94 -21.56 -8.29
CA GLY D 349 2.00 -22.65 -8.15
C GLY D 349 0.74 -22.35 -7.35
N ALA D 350 0.90 -21.88 -6.12
CA ALA D 350 -0.26 -21.56 -5.30
C ALA D 350 -1.13 -20.49 -5.95
N VAL D 351 -0.50 -19.48 -6.56
CA VAL D 351 -1.25 -18.41 -7.20
C VAL D 351 -2.03 -18.95 -8.40
N ALA D 352 -1.39 -19.81 -9.20
CA ALA D 352 -2.07 -20.44 -10.32
C ALA D 352 -3.26 -21.26 -9.87
N GLY D 353 -3.19 -21.85 -8.67
CA GLY D 353 -4.35 -22.56 -8.13
C GLY D 353 -5.51 -21.64 -7.86
N TYR D 354 -5.24 -20.47 -7.28
CA TYR D 354 -6.29 -19.48 -7.04
C TYR D 354 -6.85 -18.93 -8.33
N LYS D 355 -5.97 -18.53 -9.25
CA LYS D 355 -6.38 -17.90 -10.50
C LYS D 355 -6.90 -18.90 -11.52
N LEU D 356 -6.85 -20.20 -11.22
CA LEU D 356 -7.31 -21.25 -12.13
C LEU D 356 -6.57 -21.16 -13.47
N ALA D 357 -5.25 -21.20 -13.39
CA ALA D 357 -4.40 -21.00 -14.54
C ALA D 357 -3.35 -22.09 -14.64
N PRO D 358 -3.13 -22.67 -15.82
CA PRO D 358 -2.00 -23.57 -16.01
C PRO D 358 -0.69 -22.79 -16.13
N VAL D 359 0.40 -23.51 -15.93
CA VAL D 359 1.75 -22.95 -16.08
C VAL D 359 2.44 -23.65 -17.24
N VAL D 360 2.82 -22.88 -18.25
CA VAL D 360 3.51 -23.40 -19.41
C VAL D 360 5.01 -23.27 -19.18
N LEU D 361 5.73 -24.39 -19.29
CA LEU D 361 7.17 -24.43 -19.08
C LEU D 361 7.87 -24.39 -20.44
N ALA D 362 8.52 -23.27 -20.73
CA ALA D 362 9.26 -23.12 -21.98
C ALA D 362 10.21 -21.93 -21.86
N THR D 363 11.48 -22.14 -22.21
CA THR D 363 12.48 -21.08 -22.24
C THR D 363 12.74 -20.57 -23.66
N ASP D 364 13.28 -21.42 -24.53
CA ASP D 364 13.72 -21.00 -25.85
C ASP D 364 12.72 -21.32 -26.95
N SER D 365 11.83 -22.28 -26.73
CA SER D 365 10.89 -22.70 -27.77
C SER D 365 9.66 -23.31 -27.12
N LEU D 366 8.52 -23.11 -27.77
CA LEU D 366 7.26 -23.72 -27.35
C LEU D 366 6.99 -24.94 -28.22
N SER D 367 6.88 -26.10 -27.60
CA SER D 367 6.67 -27.34 -28.34
C SER D 367 5.32 -27.33 -29.04
N SER D 368 5.16 -28.25 -30.00
CA SER D 368 3.91 -28.32 -30.74
C SER D 368 2.79 -28.90 -29.90
N ASP D 369 3.13 -29.79 -28.95
CA ASP D 369 2.11 -30.30 -28.04
C ASP D 369 1.58 -29.19 -27.15
N GLN D 370 2.47 -28.30 -26.69
CA GLN D 370 2.04 -27.18 -25.86
C GLN D 370 1.13 -26.25 -26.63
N SER D 371 1.46 -25.98 -27.90
CA SER D 371 0.63 -25.09 -28.71
C SER D 371 -0.76 -25.68 -28.89
N VAL D 372 -0.84 -26.98 -29.23
CA VAL D 372 -2.13 -27.61 -29.42
C VAL D 372 -2.90 -27.66 -28.10
N ALA D 373 -2.19 -27.93 -27.00
CA ALA D 373 -2.84 -28.02 -25.70
C ALA D 373 -3.49 -26.70 -25.31
N ILE D 374 -2.76 -25.59 -25.50
CA ILE D 374 -3.33 -24.28 -25.17
C ILE D 374 -4.54 -24.00 -26.02
N SER D 375 -4.47 -24.31 -27.32
CA SER D 375 -5.60 -24.07 -28.21
C SER D 375 -6.82 -24.88 -27.81
N LYS D 376 -6.61 -26.05 -27.19
CA LYS D 376 -7.72 -26.92 -26.83
C LYS D 376 -8.37 -26.56 -25.49
N VAL D 377 -7.68 -25.82 -24.63
CA VAL D 377 -8.21 -25.47 -23.31
C VAL D 377 -8.57 -24.01 -23.18
N VAL D 378 -8.08 -23.13 -24.05
CA VAL D 378 -8.33 -21.70 -23.90
C VAL D 378 -9.82 -21.40 -24.03
N GLY D 379 -10.26 -20.36 -23.30
CA GLY D 379 -11.64 -19.93 -23.35
C GLY D 379 -11.98 -19.24 -24.66
N GLU D 380 -13.26 -18.91 -24.82
CA GLU D 380 -13.77 -18.50 -26.12
C GLU D 380 -14.32 -17.09 -26.14
N LYS D 381 -15.20 -16.72 -25.21
CA LYS D 381 -15.89 -15.44 -25.29
C LYS D 381 -15.10 -14.31 -24.62
N TYR D 382 -14.68 -14.51 -23.38
CA TYR D 382 -14.15 -13.45 -22.54
C TYR D 382 -12.64 -13.27 -22.75
N SER D 383 -12.10 -12.22 -22.13
CA SER D 383 -10.72 -11.82 -22.31
C SER D 383 -9.76 -12.83 -21.67
N LYS D 384 -8.49 -12.77 -22.09
CA LYS D 384 -7.45 -13.66 -21.59
C LYS D 384 -6.35 -12.86 -20.90
N ASP D 385 -5.56 -13.57 -20.09
CA ASP D 385 -4.48 -12.99 -19.30
C ASP D 385 -3.26 -13.90 -19.34
N LEU D 386 -2.08 -13.30 -19.44
CA LEU D 386 -0.83 -14.04 -19.50
C LEU D 386 0.20 -13.38 -18.60
N THR D 387 0.75 -14.12 -17.65
CA THR D 387 1.80 -13.62 -16.78
C THR D 387 3.09 -14.39 -17.03
N GLN D 388 4.15 -13.66 -17.36
CA GLN D 388 5.48 -14.21 -17.52
C GLN D 388 6.23 -14.11 -16.19
N VAL D 389 6.87 -15.20 -15.79
CA VAL D 389 7.55 -15.30 -14.51
C VAL D 389 9.04 -15.56 -14.75
N GLY D 390 9.88 -14.60 -14.39
CA GLY D 390 11.31 -14.72 -14.55
C GLY D 390 11.81 -14.04 -15.82
N GLN D 391 13.12 -13.79 -15.84
CA GLN D 391 13.79 -13.23 -17.00
C GLN D 391 14.38 -14.37 -17.83
N GLY D 392 14.41 -14.19 -19.14
CA GLY D 392 15.11 -15.12 -20.01
C GLY D 392 14.26 -15.96 -20.92
N ILE D 393 12.95 -15.74 -20.96
CA ILE D 393 12.09 -16.48 -21.89
C ILE D 393 12.12 -15.79 -23.24
N ALA D 394 12.26 -16.59 -24.30
CA ALA D 394 12.45 -16.05 -25.64
C ALA D 394 11.19 -15.35 -26.15
N ASN D 395 11.40 -14.30 -26.95
CA ASN D 395 10.27 -13.59 -27.54
C ASN D 395 9.45 -14.48 -28.44
N SER D 396 10.10 -15.43 -29.12
CA SER D 396 9.39 -16.46 -29.87
C SER D 396 8.28 -17.08 -29.02
N VAL D 397 8.62 -17.48 -27.81
CA VAL D 397 7.66 -18.16 -26.93
C VAL D 397 6.52 -17.23 -26.57
N ILE D 398 6.84 -16.02 -26.12
CA ILE D 398 5.80 -15.11 -25.65
C ILE D 398 4.81 -14.78 -26.77
N ASN D 399 5.34 -14.51 -27.97
CA ASN D 399 4.45 -14.17 -29.08
C ASN D 399 3.60 -15.38 -29.48
N LYS D 400 4.19 -16.59 -29.46
CA LYS D 400 3.42 -17.78 -29.78
C LYS D 400 2.24 -17.95 -28.82
N ILE D 401 2.50 -17.84 -27.52
CA ILE D 401 1.44 -17.99 -26.53
C ILE D 401 0.41 -16.88 -26.69
N LYS D 402 0.88 -15.66 -26.98
CA LYS D 402 -0.04 -14.55 -27.19
C LYS D 402 -0.97 -14.82 -28.38
N ASP D 403 -0.41 -15.36 -29.47
CA ASP D 403 -1.23 -15.72 -30.63
C ASP D 403 -2.29 -16.75 -30.26
N LEU D 404 -1.91 -17.79 -29.52
CA LEU D 404 -2.87 -18.81 -29.13
C LEU D 404 -4.04 -18.22 -28.35
N LEU D 405 -3.80 -17.16 -27.60
CA LEU D 405 -4.86 -16.43 -26.94
C LEU D 405 -5.35 -15.33 -27.88
N ASP D 406 -6.50 -14.74 -27.58
CA ASP D 406 -7.03 -13.69 -28.44
C ASP D 406 -6.50 -12.32 -27.98
N MET D 407 -5.18 -12.21 -28.01
CA MET D 407 -4.50 -11.08 -27.37
C MET D 407 -3.16 -10.72 -28.03
#